data_7AG5
# 
_entry.id   7AG5 
# 
_audit_conform.dict_name       mmcif_pdbx.dic 
_audit_conform.dict_version    5.384 
_audit_conform.dict_location   http://mmcif.pdb.org/dictionaries/ascii/mmcif_pdbx.dic 
# 
loop_
_database_2.database_id 
_database_2.database_code 
_database_2.pdbx_database_accession 
_database_2.pdbx_DOI 
PDB   7AG5         pdb_00007ag5 10.2210/pdb7ag5/pdb 
WWPDB D_1292111272 ?            ?                   
# 
loop_
_pdbx_audit_revision_history.ordinal 
_pdbx_audit_revision_history.data_content_type 
_pdbx_audit_revision_history.major_revision 
_pdbx_audit_revision_history.minor_revision 
_pdbx_audit_revision_history.revision_date 
1 'Structure model' 1 0 2022-02-02 
2 'Structure model' 1 1 2022-03-23 
3 'Structure model' 1 2 2024-01-31 
# 
_pdbx_audit_revision_details.ordinal             1 
_pdbx_audit_revision_details.revision_ordinal    1 
_pdbx_audit_revision_details.data_content_type   'Structure model' 
_pdbx_audit_revision_details.provider            repository 
_pdbx_audit_revision_details.type                'Initial release' 
_pdbx_audit_revision_details.description         ? 
_pdbx_audit_revision_details.details             ? 
# 
loop_
_pdbx_audit_revision_group.ordinal 
_pdbx_audit_revision_group.revision_ordinal 
_pdbx_audit_revision_group.data_content_type 
_pdbx_audit_revision_group.group 
1 2 'Structure model' 'Database references'    
2 3 'Structure model' 'Data collection'        
3 3 'Structure model' 'Refinement description' 
# 
loop_
_pdbx_audit_revision_category.ordinal 
_pdbx_audit_revision_category.revision_ordinal 
_pdbx_audit_revision_category.data_content_type 
_pdbx_audit_revision_category.category 
1 2 'Structure model' citation                      
2 2 'Structure model' citation_author               
3 3 'Structure model' chem_comp_atom                
4 3 'Structure model' chem_comp_bond                
5 3 'Structure model' pdbx_initial_refinement_model 
# 
loop_
_pdbx_audit_revision_item.ordinal 
_pdbx_audit_revision_item.revision_ordinal 
_pdbx_audit_revision_item.data_content_type 
_pdbx_audit_revision_item.item 
1  2 'Structure model' '_citation.country'              
2  2 'Structure model' '_citation.journal_abbrev'       
3  2 'Structure model' '_citation.journal_id_CSD'       
4  2 'Structure model' '_citation.journal_id_ISSN'      
5  2 'Structure model' '_citation.journal_volume'       
6  2 'Structure model' '_citation.page_first'           
7  2 'Structure model' '_citation.page_last'            
8  2 'Structure model' '_citation.pdbx_database_id_DOI' 
9  2 'Structure model' '_citation.title'                
10 2 'Structure model' '_citation.year'                 
# 
_pdbx_database_status.status_code                     REL 
_pdbx_database_status.status_code_sf                  REL 
_pdbx_database_status.status_code_mr                  ? 
_pdbx_database_status.entry_id                        7AG5 
_pdbx_database_status.recvd_initial_deposition_date   2020-09-21 
_pdbx_database_status.SG_entry                        N 
_pdbx_database_status.deposit_site                    PDBE 
_pdbx_database_status.process_site                    PDBE 
_pdbx_database_status.status_code_cs                  ? 
_pdbx_database_status.status_code_nmr_data            ? 
_pdbx_database_status.methods_development_category    ? 
_pdbx_database_status.pdb_format_compatible           Y 
# 
loop_
_audit_author.name 
_audit_author.pdbx_ordinal 
_audit_author.identifier_ORCID 
'Zeronian, M.R.'  1 ? 
'Pearce, N.M.'    2 ? 
'Wood, T.M.'      3 ? 
'Martin, N.I.'    4 ? 
'Janssen, B.J.C.' 5 ? 
# 
_citation.abstract                  ? 
_citation.abstract_id_CAS           ? 
_citation.book_id_ISBN              ? 
_citation.book_publisher            ? 
_citation.book_publisher_city       ? 
_citation.book_title                ? 
_citation.coordinate_linkage        ? 
_citation.country                   UK 
_citation.database_id_Medline       ? 
_citation.details                   ? 
_citation.id                        primary 
_citation.journal_abbrev            'Chem Sci' 
_citation.journal_id_ASTM           ? 
_citation.journal_id_CSD            ? 
_citation.journal_id_ISSN           2041-6539 
_citation.journal_full              ? 
_citation.journal_issue             ? 
_citation.journal_volume            13 
_citation.language                  ? 
_citation.page_first                2985 
_citation.page_last                 2991 
_citation.title                     
;Mechanistic insights into the C55-P targeting lipopeptide antibiotics revealed by structure-activity studies and high-resolution crystal structures
;
_citation.year                      2022 
_citation.database_id_CSD           ? 
_citation.pdbx_database_id_DOI      10.1039/D1SC07190D 
_citation.pdbx_database_id_PubMed   ? 
_citation.unpublished_flag          ? 
# 
loop_
_citation_author.citation_id 
_citation_author.name 
_citation_author.ordinal 
_citation_author.identifier_ORCID 
primary 'Wood, T.M.'      1  ? 
primary 'Zeronian, M.R.'  2  ? 
primary 'Buijs, N.'       3  ? 
primary 'Bertheussen, K.' 4  ? 
primary 'Abedian, H.K.'   5  ? 
primary 'Johnson, A.V.'   6  ? 
primary 'Pearce, N.M.'    7  ? 
primary 'Lutz, M.'        8  ? 
primary 'Kemmink, J.'     9  ? 
primary 'Seirsma, T.'     10 ? 
primary 'Hamoen, L.W.'    11 ? 
primary 'Janssen, B.J.C.' 12 ? 
primary 'Martin, N.I.'    13 ? 
# 
loop_
_entity.id 
_entity.type 
_entity.src_method 
_entity.pdbx_description 
_entity.formula_weight 
_entity.pdbx_number_of_molecules 
_entity.pdbx_ec 
_entity.pdbx_mutation 
_entity.pdbx_fragment 
_entity.details 
1 polymer     syn 'Laspartomycin C double mutant G4D D-allo-Thr9D-Dap' 1087.078 1  ? 'G4D D-allo-Thr9D-Dap' ? ? 
2 non-polymer syn 'CALCIUM ION'                                        40.078   2  ? ?                      ? ? 
3 non-polymer syn 'Geranyl phosphate'                                  234.229  1  ? ?                      ? ? 
4 non-polymer syn '(~{E})-13-methyltetradec-2-enoic acid'              240.382  1  ? ?                      ? ? 
5 water       nat water                                                18.015   19 ? ?                      ? ? 
# 
_entity_poly.entity_id                      1 
_entity_poly.type                           'polypeptide(L)' 
_entity_poly.nstd_linkage                   no 
_entity_poly.nstd_monomer                   yes 
_entity_poly.pdbx_seq_one_letter_code       'D(DNP)(CPI)DDGDG(2RA)IP' 
_entity_poly.pdbx_seq_one_letter_code_can   DAXDDGDGXIP 
_entity_poly.pdbx_strand_id                 A 
_entity_poly.pdbx_target_identifier         ? 
# 
loop_
_pdbx_entity_nonpoly.entity_id 
_pdbx_entity_nonpoly.name 
_pdbx_entity_nonpoly.comp_id 
2 'CALCIUM ION'                           CA  
3 'Geranyl phosphate'                     RDZ 
4 '(~{E})-13-methyltetradec-2-enoic acid' 9GE 
5 water                                   HOH 
# 
loop_
_entity_poly_seq.entity_id 
_entity_poly_seq.num 
_entity_poly_seq.mon_id 
_entity_poly_seq.hetero 
1 1  ASP n 
1 2  DNP n 
1 3  CPI n 
1 4  ASP n 
1 5  ASP n 
1 6  GLY n 
1 7  ASP n 
1 8  GLY n 
1 9  2RA n 
1 10 ILE n 
1 11 PRO n 
# 
_pdbx_entity_src_syn.entity_id              1 
_pdbx_entity_src_syn.pdbx_src_id            1 
_pdbx_entity_src_syn.pdbx_alt_source_flag   sample 
_pdbx_entity_src_syn.pdbx_beg_seq_num       1 
_pdbx_entity_src_syn.pdbx_end_seq_num       11 
_pdbx_entity_src_syn.organism_scientific    'Streptomyces viridochromogenes' 
_pdbx_entity_src_syn.organism_common_name   ? 
_pdbx_entity_src_syn.ncbi_taxonomy_id       1938 
_pdbx_entity_src_syn.details                ? 
# 
loop_
_chem_comp.id 
_chem_comp.type 
_chem_comp.mon_nstd_flag 
_chem_comp.name 
_chem_comp.pdbx_synonyms 
_chem_comp.formula 
_chem_comp.formula_weight 
2RA 'D-peptide linking' n 3-amino-D-alanine                       'diaminopropanoic acid' 'C3 H8 N2 O2'   104.108 
9GE non-polymer         . '(~{E})-13-methyltetradec-2-enoic acid' ? 'C15 H28 O2'    240.382 
ASP 'L-peptide linking' y 'ASPARTIC ACID'                         ? 'C4 H7 N O4'    133.103 
CA  non-polymer         . 'CALCIUM ION'                           ? 'Ca 2'          40.078  
CPI 'D-peptide linking' . 6-CARBOXYPIPERIDINE                     ? 'C6 H11 N O2'   129.157 
DNP 'L-peptide linking' n 3-AMINO-ALANINE                         ? 'C3 H9 N2 O2 1' 105.116 
GLY 'peptide linking'   y GLYCINE                                 ? 'C2 H5 N O2'    75.067  
HOH non-polymer         . WATER                                   ? 'H2 O'          18.015  
ILE 'L-peptide linking' y ISOLEUCINE                              ? 'C6 H13 N O2'   131.173 
PRO 'L-peptide linking' y PROLINE                                 ? 'C5 H9 N O2'    115.130 
RDZ non-polymer         . 'Geranyl phosphate'                     
'[(2E)-3,7-dimethylocta-2,6-dienyl] dihydrogen phosphate; [(2~{E})-3,7-dimethylocta-2,6-dienyl] dihydrogen phosphate' 
'C10 H19 O4 P'  234.229 
# 
loop_
_pdbx_poly_seq_scheme.asym_id 
_pdbx_poly_seq_scheme.entity_id 
_pdbx_poly_seq_scheme.seq_id 
_pdbx_poly_seq_scheme.mon_id 
_pdbx_poly_seq_scheme.ndb_seq_num 
_pdbx_poly_seq_scheme.pdb_seq_num 
_pdbx_poly_seq_scheme.auth_seq_num 
_pdbx_poly_seq_scheme.pdb_mon_id 
_pdbx_poly_seq_scheme.auth_mon_id 
_pdbx_poly_seq_scheme.pdb_strand_id 
_pdbx_poly_seq_scheme.pdb_ins_code 
_pdbx_poly_seq_scheme.hetero 
A 1 1  ASP 1  1  1  ASP ASP A . n 
A 1 2  DNP 2  2  2  DNP DNP A . n 
A 1 3  CPI 3  3  3  CPI CPI A . n 
A 1 4  ASP 4  4  4  ASP ASP A . n 
A 1 5  ASP 5  5  5  ASP ASP A . n 
A 1 6  GLY 6  6  6  GLY GLY A . n 
A 1 7  ASP 7  7  7  ASP ASP A . n 
A 1 8  GLY 8  8  8  GLY GLY A . n 
A 1 9  2RA 9  9  9  2RA 2RA A . n 
A 1 10 ILE 10 10 10 ILE ILE A . n 
A 1 11 PRO 11 11 11 PRO PRO A . n 
# 
loop_
_pdbx_nonpoly_scheme.asym_id 
_pdbx_nonpoly_scheme.entity_id 
_pdbx_nonpoly_scheme.mon_id 
_pdbx_nonpoly_scheme.ndb_seq_num 
_pdbx_nonpoly_scheme.pdb_seq_num 
_pdbx_nonpoly_scheme.auth_seq_num 
_pdbx_nonpoly_scheme.pdb_mon_id 
_pdbx_nonpoly_scheme.auth_mon_id 
_pdbx_nonpoly_scheme.pdb_strand_id 
_pdbx_nonpoly_scheme.pdb_ins_code 
B 2 CA  1  101 102 CA  CA  A . 
C 2 CA  1  102 103 CA  CA  A . 
D 3 RDZ 1  103 201 RDZ UNL A . 
E 4 9GE 1  104 0   9GE 9GE A . 
F 5 HOH 1  201 19  HOH HOH A . 
F 5 HOH 2  202 11  HOH HOH A . 
F 5 HOH 3  203 8   HOH HOH A . 
F 5 HOH 4  204 4   HOH HOH A . 
F 5 HOH 5  205 6   HOH HOH A . 
F 5 HOH 6  206 15  HOH HOH A . 
F 5 HOH 7  207 17  HOH HOH A . 
F 5 HOH 8  208 14  HOH HOH A . 
F 5 HOH 9  209 2   HOH HOH A . 
F 5 HOH 10 210 3   HOH HOH A . 
F 5 HOH 11 211 5   HOH HOH A . 
F 5 HOH 12 212 1   HOH HOH A . 
F 5 HOH 13 213 9   HOH HOH A . 
F 5 HOH 14 214 16  HOH HOH A . 
F 5 HOH 15 215 18  HOH HOH A . 
F 5 HOH 16 216 22  HOH HOH A . 
F 5 HOH 17 217 20  HOH HOH A . 
F 5 HOH 18 218 7   HOH HOH A . 
F 5 HOH 19 219 13  HOH HOH A . 
# 
loop_
_software.citation_id 
_software.classification 
_software.compiler_name 
_software.compiler_version 
_software.contact_author 
_software.contact_author_email 
_software.date 
_software.description 
_software.dependencies 
_software.hardware 
_software.language 
_software.location 
_software.mods 
_software.name 
_software.os 
_software.os_version 
_software.type 
_software.version 
_software.pdbx_ordinal 
? refinement       ? ? ? ? ? ? ? ? ? ? ? REFMAC    ? ? ? 5.8.0267 1 
? phasing          ? ? ? ? ? ? ? ? ? ? ? PHASER    ? ? ? .        2 
? 'data scaling'   ? ? ? ? ? ? ? ? ? ? ? Aimless   ? ? ? .        3 
? 'data scaling'   ? ? ? ? ? ? ? ? ? ? ? STARANISO ? ? ? .        4 
? 'data reduction' ? ? ? ? ? ? ? ? ? ? ? DIALS     ? ? ? .        5 
# 
_cell.angle_alpha                  90.000 
_cell.angle_alpha_esd              ? 
_cell.angle_beta                   90.000 
_cell.angle_beta_esd               ? 
_cell.angle_gamma                  120.000 
_cell.angle_gamma_esd              ? 
_cell.entry_id                     7AG5 
_cell.details                      ? 
_cell.formula_units_Z              ? 
_cell.length_a                     40.428 
_cell.length_a_esd                 ? 
_cell.length_b                     40.428 
_cell.length_b_esd                 ? 
_cell.length_c                     31.033 
_cell.length_c_esd                 ? 
_cell.volume                       ? 
_cell.volume_esd                   ? 
_cell.Z_PDB                        12 
_cell.reciprocal_angle_alpha       ? 
_cell.reciprocal_angle_beta        ? 
_cell.reciprocal_angle_gamma       ? 
_cell.reciprocal_angle_alpha_esd   ? 
_cell.reciprocal_angle_beta_esd    ? 
_cell.reciprocal_angle_gamma_esd   ? 
_cell.reciprocal_length_a          ? 
_cell.reciprocal_length_b          ? 
_cell.reciprocal_length_c          ? 
_cell.reciprocal_length_a_esd      ? 
_cell.reciprocal_length_b_esd      ? 
_cell.reciprocal_length_c_esd      ? 
_cell.pdbx_unique_axis             ? 
# 
_symmetry.entry_id                         7AG5 
_symmetry.cell_setting                     ? 
_symmetry.Int_Tables_number                177 
_symmetry.space_group_name_Hall            ? 
_symmetry.space_group_name_H-M             'P 6 2 2' 
_symmetry.pdbx_full_space_group_name_H-M   ? 
# 
_exptl.absorpt_coefficient_mu     ? 
_exptl.absorpt_correction_T_max   ? 
_exptl.absorpt_correction_T_min   ? 
_exptl.absorpt_correction_type    ? 
_exptl.absorpt_process_details    ? 
_exptl.entry_id                   7AG5 
_exptl.crystals_number            1 
_exptl.details                    ? 
_exptl.method                     'X-RAY DIFFRACTION' 
_exptl.method_details             ? 
# 
_exptl_crystal.colour                      ? 
_exptl_crystal.density_diffrn              ? 
_exptl_crystal.density_Matthews            2.40 
_exptl_crystal.density_method              ? 
_exptl_crystal.density_percent_sol         48.82 
_exptl_crystal.description                 ? 
_exptl_crystal.F_000                       ? 
_exptl_crystal.id                          1 
_exptl_crystal.preparation                 ? 
_exptl_crystal.size_max                    ? 
_exptl_crystal.size_mid                    ? 
_exptl_crystal.size_min                    ? 
_exptl_crystal.size_rad                    ? 
_exptl_crystal.colour_lustre               ? 
_exptl_crystal.colour_modifier             ? 
_exptl_crystal.colour_primary              ? 
_exptl_crystal.density_meas                ? 
_exptl_crystal.density_meas_esd            ? 
_exptl_crystal.density_meas_gt             ? 
_exptl_crystal.density_meas_lt             ? 
_exptl_crystal.density_meas_temp           ? 
_exptl_crystal.density_meas_temp_esd       ? 
_exptl_crystal.density_meas_temp_gt        ? 
_exptl_crystal.density_meas_temp_lt        ? 
_exptl_crystal.pdbx_crystal_image_url      ? 
_exptl_crystal.pdbx_crystal_image_format   ? 
_exptl_crystal.pdbx_mosaicity              ? 
_exptl_crystal.pdbx_mosaicity_esd          ? 
# 
_exptl_crystal_grow.apparatus       ? 
_exptl_crystal_grow.atmosphere      ? 
_exptl_crystal_grow.crystal_id      1 
_exptl_crystal_grow.details         ? 
_exptl_crystal_grow.method          'VAPOR DIFFUSION, SITTING DROP' 
_exptl_crystal_grow.method_ref      ? 
_exptl_crystal_grow.pH              7.5 
_exptl_crystal_grow.pressure        ? 
_exptl_crystal_grow.pressure_esd    ? 
_exptl_crystal_grow.seeding         ? 
_exptl_crystal_grow.seeding_ref     ? 
_exptl_crystal_grow.temp            291 
_exptl_crystal_grow.temp_details    ? 
_exptl_crystal_grow.temp_esd        ? 
_exptl_crystal_grow.time            ? 
_exptl_crystal_grow.pdbx_details    '0.2 M sodium formate, 40% MPD' 
_exptl_crystal_grow.pdbx_pH_range   ? 
# 
_diffrn.ambient_environment              ? 
_diffrn.ambient_temp                     100 
_diffrn.ambient_temp_details             ? 
_diffrn.ambient_temp_esd                 ? 
_diffrn.crystal_id                       1 
_diffrn.crystal_support                  ? 
_diffrn.crystal_treatment                ? 
_diffrn.details                          ? 
_diffrn.id                               1 
_diffrn.ambient_pressure                 ? 
_diffrn.ambient_pressure_esd             ? 
_diffrn.ambient_pressure_gt              ? 
_diffrn.ambient_pressure_lt              ? 
_diffrn.ambient_temp_gt                  ? 
_diffrn.ambient_temp_lt                  ? 
_diffrn.pdbx_serial_crystal_experiment   N 
# 
_diffrn_detector.details                      ? 
_diffrn_detector.detector                     PIXEL 
_diffrn_detector.diffrn_id                    1 
_diffrn_detector.type                         'DECTRIS PILATUS 6M-F' 
_diffrn_detector.area_resol_mean              ? 
_diffrn_detector.dtime                        ? 
_diffrn_detector.pdbx_frames_total            ? 
_diffrn_detector.pdbx_collection_time_total   ? 
_diffrn_detector.pdbx_collection_date         2019-05-04 
_diffrn_detector.pdbx_frequency               ? 
# 
_diffrn_radiation.collimation                      ? 
_diffrn_radiation.diffrn_id                        1 
_diffrn_radiation.filter_edge                      ? 
_diffrn_radiation.inhomogeneity                    ? 
_diffrn_radiation.monochromator                    ? 
_diffrn_radiation.polarisn_norm                    ? 
_diffrn_radiation.polarisn_ratio                   ? 
_diffrn_radiation.probe                            ? 
_diffrn_radiation.type                             ? 
_diffrn_radiation.xray_symbol                      ? 
_diffrn_radiation.wavelength_id                    1 
_diffrn_radiation.pdbx_monochromatic_or_laue_m_l   M 
_diffrn_radiation.pdbx_wavelength_list             ? 
_diffrn_radiation.pdbx_wavelength                  ? 
_diffrn_radiation.pdbx_diffrn_protocol             'SINGLE WAVELENGTH' 
_diffrn_radiation.pdbx_analyzer                    ? 
_diffrn_radiation.pdbx_scattering_type             x-ray 
# 
_diffrn_radiation_wavelength.id           1 
_diffrn_radiation_wavelength.wavelength   0.9159 
_diffrn_radiation_wavelength.wt           1.0 
# 
_diffrn_source.current                     ? 
_diffrn_source.details                     ? 
_diffrn_source.diffrn_id                   1 
_diffrn_source.power                       ? 
_diffrn_source.size                        ? 
_diffrn_source.source                      SYNCHROTRON 
_diffrn_source.target                      ? 
_diffrn_source.type                        'DIAMOND BEAMLINE I04-1' 
_diffrn_source.voltage                     ? 
_diffrn_source.take-off_angle              ? 
_diffrn_source.pdbx_wavelength_list        0.9159 
_diffrn_source.pdbx_wavelength             ? 
_diffrn_source.pdbx_synchrotron_beamline   I04-1 
_diffrn_source.pdbx_synchrotron_site       Diamond 
# 
_reflns.B_iso_Wilson_estimate            ? 
_reflns.entry_id                         7AG5 
_reflns.data_reduction_details           ? 
_reflns.data_reduction_method            ? 
_reflns.d_resolution_high                1.031 
_reflns.d_resolution_low                 35.012 
_reflns.details                          ? 
_reflns.limit_h_max                      ? 
_reflns.limit_h_min                      ? 
_reflns.limit_k_max                      ? 
_reflns.limit_k_min                      ? 
_reflns.limit_l_max                      ? 
_reflns.limit_l_min                      ? 
_reflns.number_all                       ? 
_reflns.number_obs                       6321 
_reflns.observed_criterion               ? 
_reflns.observed_criterion_F_max         ? 
_reflns.observed_criterion_F_min         ? 
_reflns.observed_criterion_I_max         ? 
_reflns.observed_criterion_I_min         ? 
_reflns.observed_criterion_sigma_F       ? 
_reflns.observed_criterion_sigma_I       ? 
_reflns.percent_possible_obs             92.2 
_reflns.R_free_details                   ? 
_reflns.Rmerge_F_all                     ? 
_reflns.Rmerge_F_obs                     ? 
_reflns.Friedel_coverage                 ? 
_reflns.number_gt                        ? 
_reflns.threshold_expression             ? 
_reflns.pdbx_redundancy                  11.7 
_reflns.pdbx_Rmerge_I_obs                0.185 
_reflns.pdbx_Rmerge_I_all                ? 
_reflns.pdbx_Rsym_value                  ? 
_reflns.pdbx_netI_over_av_sigmaI         ? 
_reflns.pdbx_netI_over_sigmaI            8.0 
_reflns.pdbx_res_netI_over_av_sigmaI_2   ? 
_reflns.pdbx_res_netI_over_sigmaI_2      ? 
_reflns.pdbx_chi_squared                 ? 
_reflns.pdbx_scaling_rejects             ? 
_reflns.pdbx_d_res_high_opt              ? 
_reflns.pdbx_d_res_low_opt               ? 
_reflns.pdbx_d_res_opt_method            ? 
_reflns.phase_calculation_details        ? 
_reflns.pdbx_Rrim_I_all                  0.193 
_reflns.pdbx_Rpim_I_all                  0.054 
_reflns.pdbx_d_opt                       ? 
_reflns.pdbx_number_measured_all         ? 
_reflns.pdbx_diffrn_id                   1 
_reflns.pdbx_ordinal                     1 
_reflns.pdbx_CC_half                     0.997 
_reflns.pdbx_CC_star                     ? 
_reflns.pdbx_R_split                     ? 
# 
_reflns_shell.d_res_high                  1.031 
_reflns_shell.d_res_low                   1.116 
_reflns_shell.meanI_over_sigI_all         ? 
_reflns_shell.meanI_over_sigI_obs         1.5 
_reflns_shell.number_measured_all         ? 
_reflns_shell.number_measured_obs         ? 
_reflns_shell.number_possible             ? 
_reflns_shell.number_unique_all           ? 
_reflns_shell.number_unique_obs           421 
_reflns_shell.percent_possible_all        53.1 
_reflns_shell.percent_possible_obs        ? 
_reflns_shell.Rmerge_F_all                ? 
_reflns_shell.Rmerge_F_obs                ? 
_reflns_shell.Rmerge_I_all                ? 
_reflns_shell.Rmerge_I_obs                1.584 
_reflns_shell.meanI_over_sigI_gt          ? 
_reflns_shell.meanI_over_uI_all           ? 
_reflns_shell.meanI_over_uI_gt            ? 
_reflns_shell.number_measured_gt          ? 
_reflns_shell.number_unique_gt            ? 
_reflns_shell.percent_possible_gt         ? 
_reflns_shell.Rmerge_F_gt                 ? 
_reflns_shell.Rmerge_I_gt                 ? 
_reflns_shell.pdbx_redundancy             10.6 
_reflns_shell.pdbx_Rsym_value             ? 
_reflns_shell.pdbx_chi_squared            ? 
_reflns_shell.pdbx_netI_over_sigmaI_all   ? 
_reflns_shell.pdbx_netI_over_sigmaI_obs   ? 
_reflns_shell.pdbx_Rrim_I_all             1.664 
_reflns_shell.pdbx_Rpim_I_all             0.504 
_reflns_shell.pdbx_rejects                ? 
_reflns_shell.pdbx_ordinal                1 
_reflns_shell.pdbx_diffrn_id              1 
_reflns_shell.pdbx_CC_half                0.726 
_reflns_shell.pdbx_CC_star                ? 
_reflns_shell.pdbx_R_split                ? 
# 
_refine.aniso_B[1][1]                            0.6900 
_refine.aniso_B[1][2]                            0.3500 
_refine.aniso_B[1][3]                            0.0000 
_refine.aniso_B[2][2]                            0.6900 
_refine.aniso_B[2][3]                            -0.0000 
_refine.aniso_B[3][3]                            -2.2500 
_refine.B_iso_max                                61.640 
_refine.B_iso_mean                               16.7510 
_refine.B_iso_min                                7.040 
_refine.correlation_coeff_Fo_to_Fc               0.9790 
_refine.correlation_coeff_Fo_to_Fc_free          0.9730 
_refine.details                                  ? 
_refine.diff_density_max                         ? 
_refine.diff_density_max_esd                     ? 
_refine.diff_density_min                         ? 
_refine.diff_density_min_esd                     ? 
_refine.diff_density_rms                         ? 
_refine.diff_density_rms_esd                     ? 
_refine.entry_id                                 7AG5 
_refine.pdbx_refine_id                           'X-RAY DIFFRACTION' 
_refine.ls_abs_structure_details                 ? 
_refine.ls_abs_structure_Flack                   ? 
_refine.ls_abs_structure_Flack_esd               ? 
_refine.ls_abs_structure_Rogers                  ? 
_refine.ls_abs_structure_Rogers_esd              ? 
_refine.ls_d_res_high                            1.0400 
_refine.ls_d_res_low                             35.0100 
_refine.ls_extinction_coef                       ? 
_refine.ls_extinction_coef_esd                   ? 
_refine.ls_extinction_expression                 ? 
_refine.ls_extinction_method                     ? 
_refine.ls_goodness_of_fit_all                   ? 
_refine.ls_goodness_of_fit_all_esd               ? 
_refine.ls_goodness_of_fit_obs                   ? 
_refine.ls_goodness_of_fit_obs_esd               ? 
_refine.ls_hydrogen_treatment                    ? 
_refine.ls_matrix_type                           ? 
_refine.ls_number_constraints                    ? 
_refine.ls_number_parameters                     ? 
_refine.ls_number_reflns_all                     ? 
_refine.ls_number_reflns_obs                     6011 
_refine.ls_number_reflns_R_free                  299 
_refine.ls_number_reflns_R_work                  ? 
_refine.ls_number_restraints                     ? 
_refine.ls_percent_reflns_obs                    82.6600 
_refine.ls_percent_reflns_R_free                 4.7385 
_refine.ls_R_factor_all                          ? 
_refine.ls_R_factor_obs                          0.1215 
_refine.ls_R_factor_R_free                       0.1432 
_refine.ls_R_factor_R_free_error                 ? 
_refine.ls_R_factor_R_free_error_details         ? 
_refine.ls_R_factor_R_work                       0.1204 
_refine.ls_R_Fsqd_factor_obs                     ? 
_refine.ls_R_I_factor_obs                        ? 
_refine.ls_redundancy_reflns_all                 ? 
_refine.ls_redundancy_reflns_obs                 ? 
_refine.ls_restrained_S_all                      ? 
_refine.ls_restrained_S_obs                      ? 
_refine.ls_shift_over_esd_max                    ? 
_refine.ls_shift_over_esd_mean                   ? 
_refine.ls_structure_factor_coef                 ? 
_refine.ls_weighting_details                     ? 
_refine.ls_weighting_scheme                      ? 
_refine.ls_wR_factor_all                         ? 
_refine.ls_wR_factor_obs                         ? 
_refine.ls_wR_factor_R_free                      ? 
_refine.ls_wR_factor_R_work                      ? 
_refine.occupancy_max                            ? 
_refine.occupancy_min                            ? 
_refine.solvent_model_details                    MASK 
_refine.solvent_model_param_bsol                 ? 
_refine.solvent_model_param_ksol                 ? 
_refine.pdbx_R_complete                          ? 
_refine.ls_R_factor_gt                           ? 
_refine.ls_goodness_of_fit_gt                    ? 
_refine.ls_goodness_of_fit_ref                   ? 
_refine.ls_shift_over_su_max                     ? 
_refine.ls_shift_over_su_max_lt                  ? 
_refine.ls_shift_over_su_mean                    ? 
_refine.ls_shift_over_su_mean_lt                 ? 
_refine.pdbx_ls_sigma_I                          ? 
_refine.pdbx_ls_sigma_F                          0.000 
_refine.pdbx_ls_sigma_Fsqd                       ? 
_refine.pdbx_data_cutoff_high_absF               ? 
_refine.pdbx_data_cutoff_high_rms_absF           ? 
_refine.pdbx_data_cutoff_low_absF                ? 
_refine.pdbx_isotropic_thermal_model             ? 
_refine.pdbx_ls_cross_valid_method               THROUGHOUT 
_refine.pdbx_method_to_determine_struct          'MOLECULAR REPLACEMENT' 
_refine.pdbx_starting_model                      5O0Z 
_refine.pdbx_stereochemistry_target_values       'MAXIMUM LIKELIHOOD' 
_refine.pdbx_R_Free_selection_details            RANDOM 
_refine.pdbx_stereochem_target_val_spec_case     ? 
_refine.pdbx_overall_ESU_R                       0.0252 
_refine.pdbx_overall_ESU_R_Free                  0.0262 
_refine.pdbx_solvent_vdw_probe_radii             1.2000 
_refine.pdbx_solvent_ion_probe_radii             0.8000 
_refine.pdbx_solvent_shrinkage_radii             0.8000 
_refine.pdbx_real_space_R                        ? 
_refine.pdbx_density_correlation                 ? 
_refine.pdbx_pd_number_of_powder_patterns        ? 
_refine.pdbx_pd_number_of_points                 ? 
_refine.pdbx_pd_meas_number_of_points            ? 
_refine.pdbx_pd_proc_ls_prof_R_factor            ? 
_refine.pdbx_pd_proc_ls_prof_wR_factor           ? 
_refine.pdbx_pd_Marquardt_correlation_coeff      ? 
_refine.pdbx_pd_Fsqrd_R_factor                   ? 
_refine.pdbx_pd_ls_matrix_band_width             ? 
_refine.pdbx_overall_phase_error                 ? 
_refine.pdbx_overall_SU_R_free_Cruickshank_DPI   ? 
_refine.pdbx_overall_SU_R_free_Blow_DPI          ? 
_refine.pdbx_overall_SU_R_Blow_DPI               ? 
_refine.pdbx_TLS_residual_ADP_flag               ? 
_refine.pdbx_diffrn_id                           1 
_refine.overall_SU_B                             1.0350 
_refine.overall_SU_ML                            0.0210 
_refine.overall_SU_R_Cruickshank_DPI             ? 
_refine.overall_SU_R_free                        ? 
_refine.overall_FOM_free_R_set                   ? 
_refine.overall_FOM_work_R_set                   ? 
_refine.pdbx_average_fsc_overall                 ? 
_refine.pdbx_average_fsc_work                    ? 
_refine.pdbx_average_fsc_free                    ? 
# 
_refine_hist.pdbx_refine_id                   'X-RAY DIFFRACTION' 
_refine_hist.cycle_id                         final 
_refine_hist.details                          ? 
_refine_hist.d_res_high                       1.0400 
_refine_hist.d_res_low                        35.0100 
_refine_hist.number_atoms_solvent             19 
_refine_hist.number_atoms_total               176 
_refine_hist.number_reflns_all                ? 
_refine_hist.number_reflns_obs                ? 
_refine_hist.number_reflns_R_free             ? 
_refine_hist.number_reflns_R_work             ? 
_refine_hist.R_factor_all                     ? 
_refine_hist.R_factor_obs                     ? 
_refine_hist.R_factor_R_free                  ? 
_refine_hist.R_factor_R_work                  ? 
_refine_hist.pdbx_number_residues_total       12 
_refine_hist.pdbx_B_iso_mean_ligand           27.48 
_refine_hist.pdbx_B_iso_mean_solvent          26.48 
_refine_hist.pdbx_number_atoms_protein        91 
_refine_hist.pdbx_number_atoms_nucleic_acid   0 
_refine_hist.pdbx_number_atoms_ligand         66 
_refine_hist.pdbx_number_atoms_lipid          ? 
_refine_hist.pdbx_number_atoms_carb           ? 
_refine_hist.pdbx_pseudo_atom_details         ? 
# 
loop_
_refine_ls_restr.pdbx_refine_id 
_refine_ls_restr.criterion 
_refine_ls_restr.dev_ideal 
_refine_ls_restr.dev_ideal_target 
_refine_ls_restr.number 
_refine_ls_restr.rejects 
_refine_ls_restr.type 
_refine_ls_restr.weight 
_refine_ls_restr.pdbx_restraint_function 
'X-RAY DIFFRACTION' ? 0.019  0.015  137 ? r_bond_refined_d       ? ? 
'X-RAY DIFFRACTION' ? 0.002  0.016  152 ? r_bond_other_d         ? ? 
'X-RAY DIFFRACTION' ? 1.721  1.794  179 ? r_angle_refined_deg    ? ? 
'X-RAY DIFFRACTION' ? 0.662  1.607  356 ? r_angle_other_deg      ? ? 
'X-RAY DIFFRACTION' ? 67.910 6.111  9   ? r_dihedral_angle_1_deg ? ? 
'X-RAY DIFFRACTION' ? 24.766 16.818 11  ? r_dihedral_angle_2_deg ? ? 
'X-RAY DIFFRACTION' ? 12.913 15.000 6   ? r_dihedral_angle_3_deg ? ? 
'X-RAY DIFFRACTION' ? 0.109  0.200  11  ? r_chiral_restr         ? ? 
'X-RAY DIFFRACTION' ? 0.012  0.020  163 ? r_gen_planes_refined   ? ? 
'X-RAY DIFFRACTION' ? 0.002  0.020  21  ? r_gen_planes_other     ? ? 
'X-RAY DIFFRACTION' ? 2.465  3.000  285 ? r_rigid_bond_restr     ? ? 
# 
_refine_ls_shell.pdbx_refine_id                   'X-RAY DIFFRACTION' 
_refine_ls_shell.d_res_high                       1.0400 
_refine_ls_shell.d_res_low                        1.0670 
_refine_ls_shell.number_reflns_all                65 
_refine_ls_shell.number_reflns_obs                ? 
_refine_ls_shell.number_reflns_R_free             2 
_refine_ls_shell.number_reflns_R_work             63 
_refine_ls_shell.percent_reflns_obs               12.0400 
_refine_ls_shell.percent_reflns_R_free            ? 
_refine_ls_shell.R_factor_all                     ? 
_refine_ls_shell.R_factor_obs                     ? 
_refine_ls_shell.R_factor_R_free                  0.1630 
_refine_ls_shell.R_factor_R_free_error            0.0000 
_refine_ls_shell.R_factor_R_work                  0.2000 
_refine_ls_shell.redundancy_reflns_all            ? 
_refine_ls_shell.redundancy_reflns_obs            ? 
_refine_ls_shell.wR_factor_all                    ? 
_refine_ls_shell.wR_factor_obs                    ? 
_refine_ls_shell.wR_factor_R_free                 ? 
_refine_ls_shell.wR_factor_R_work                 ? 
_refine_ls_shell.pdbx_R_complete                  ? 
_refine_ls_shell.pdbx_total_number_of_bins_used   20 
_refine_ls_shell.pdbx_phase_error                 ? 
_refine_ls_shell.pdbx_fsc_work                    ? 
_refine_ls_shell.pdbx_fsc_free                    ? 
# 
_struct.entry_id                     7AG5 
_struct.title                        
'Structure of the Laspartomycin C double mutant G4D D-allo-Thr9D-Dap in complex with Geranyl phosphate' 
_struct.pdbx_model_details           ? 
_struct.pdbx_formula_weight          ? 
_struct.pdbx_formula_weight_method   ? 
_struct.pdbx_model_type_details      ? 
_struct.pdbx_CASP_flag               N 
# 
_struct_keywords.entry_id        7AG5 
_struct_keywords.text            
'Antibiotic, Calcium-dependent antibiotic, Bacterial cell wall biosynthesis inhibitor, Lipopeptide antibiotic' 
_struct_keywords.pdbx_keywords   ANTIBIOTIC 
# 
loop_
_struct_asym.id 
_struct_asym.pdbx_blank_PDB_chainid_flag 
_struct_asym.pdbx_modified 
_struct_asym.entity_id 
_struct_asym.details 
A N N 1 ? 
B N N 2 ? 
C N N 2 ? 
D N N 3 ? 
E N N 4 ? 
F N N 5 ? 
# 
_struct_ref.id                         1 
_struct_ref.db_name                    PDB 
_struct_ref.db_code                    7AG5 
_struct_ref.pdbx_db_accession          7AG5 
_struct_ref.pdbx_db_isoform            ? 
_struct_ref.entity_id                  1 
_struct_ref.pdbx_seq_one_letter_code   ? 
_struct_ref.pdbx_align_begin           1 
# 
_struct_ref_seq.align_id                      1 
_struct_ref_seq.ref_id                        1 
_struct_ref_seq.pdbx_PDB_id_code              7AG5 
_struct_ref_seq.pdbx_strand_id                A 
_struct_ref_seq.seq_align_beg                 1 
_struct_ref_seq.pdbx_seq_align_beg_ins_code   ? 
_struct_ref_seq.seq_align_end                 11 
_struct_ref_seq.pdbx_seq_align_end_ins_code   ? 
_struct_ref_seq.pdbx_db_accession             7AG5 
_struct_ref_seq.db_align_beg                  1 
_struct_ref_seq.pdbx_db_align_beg_ins_code    ? 
_struct_ref_seq.db_align_end                  11 
_struct_ref_seq.pdbx_db_align_end_ins_code    ? 
_struct_ref_seq.pdbx_auth_seq_align_beg       1 
_struct_ref_seq.pdbx_auth_seq_align_end       11 
# 
_pdbx_struct_assembly.id                   1 
_pdbx_struct_assembly.details              author_and_software_defined_assembly 
_pdbx_struct_assembly.method_details       PISA 
_pdbx_struct_assembly.oligomeric_details   monomeric 
_pdbx_struct_assembly.oligomeric_count     1 
# 
loop_
_pdbx_struct_assembly_prop.biol_id 
_pdbx_struct_assembly_prop.type 
_pdbx_struct_assembly_prop.value 
_pdbx_struct_assembly_prop.details 
1 'ABSA (A^2)' 250  ? 
1 MORE         -9   ? 
1 'SSA (A^2)'  1680 ? 
# 
_pdbx_struct_assembly_gen.assembly_id       1 
_pdbx_struct_assembly_gen.oper_expression   1 
_pdbx_struct_assembly_gen.asym_id_list      A,B,C,D,E,F 
# 
_pdbx_struct_assembly_auth_evidence.id                     1 
_pdbx_struct_assembly_auth_evidence.assembly_id            1 
_pdbx_struct_assembly_auth_evidence.experimental_support   none 
_pdbx_struct_assembly_auth_evidence.details                ? 
# 
_pdbx_struct_oper_list.id                   1 
_pdbx_struct_oper_list.type                 'identity operation' 
_pdbx_struct_oper_list.name                 1_555 
_pdbx_struct_oper_list.symmetry_operation   x,y,z 
_pdbx_struct_oper_list.matrix[1][1]         1.0000000000 
_pdbx_struct_oper_list.matrix[1][2]         0.0000000000 
_pdbx_struct_oper_list.matrix[1][3]         0.0000000000 
_pdbx_struct_oper_list.vector[1]            0.0000000000 
_pdbx_struct_oper_list.matrix[2][1]         0.0000000000 
_pdbx_struct_oper_list.matrix[2][2]         1.0000000000 
_pdbx_struct_oper_list.matrix[2][3]         0.0000000000 
_pdbx_struct_oper_list.vector[2]            0.0000000000 
_pdbx_struct_oper_list.matrix[3][1]         0.0000000000 
_pdbx_struct_oper_list.matrix[3][2]         0.0000000000 
_pdbx_struct_oper_list.matrix[3][3]         1.0000000000 
_pdbx_struct_oper_list.vector[3]            0.0000000000 
# 
loop_
_struct_conn.id 
_struct_conn.conn_type_id 
_struct_conn.pdbx_leaving_atom_flag 
_struct_conn.pdbx_PDB_id 
_struct_conn.ptnr1_label_asym_id 
_struct_conn.ptnr1_label_comp_id 
_struct_conn.ptnr1_label_seq_id 
_struct_conn.ptnr1_label_atom_id 
_struct_conn.pdbx_ptnr1_label_alt_id 
_struct_conn.pdbx_ptnr1_PDB_ins_code 
_struct_conn.pdbx_ptnr1_standard_comp_id 
_struct_conn.ptnr1_symmetry 
_struct_conn.ptnr2_label_asym_id 
_struct_conn.ptnr2_label_comp_id 
_struct_conn.ptnr2_label_seq_id 
_struct_conn.ptnr2_label_atom_id 
_struct_conn.pdbx_ptnr2_label_alt_id 
_struct_conn.pdbx_ptnr2_PDB_ins_code 
_struct_conn.ptnr1_auth_asym_id 
_struct_conn.ptnr1_auth_comp_id 
_struct_conn.ptnr1_auth_seq_id 
_struct_conn.ptnr2_auth_asym_id 
_struct_conn.ptnr2_auth_comp_id 
_struct_conn.ptnr2_auth_seq_id 
_struct_conn.ptnr2_symmetry 
_struct_conn.pdbx_ptnr3_label_atom_id 
_struct_conn.pdbx_ptnr3_label_seq_id 
_struct_conn.pdbx_ptnr3_label_comp_id 
_struct_conn.pdbx_ptnr3_label_asym_id 
_struct_conn.pdbx_ptnr3_label_alt_id 
_struct_conn.pdbx_ptnr3_PDB_ins_code 
_struct_conn.details 
_struct_conn.pdbx_dist_value 
_struct_conn.pdbx_value_order 
_struct_conn.pdbx_role 
covale1  covale both ? A ASP 1  C   ? ? ? 1_555 A DNP 2  N  ? ? A ASP 1   A DNP 2   1_555 ? ? ? ? ? ? ? 1.319 ? ? 
covale2  covale both ? A ASP 1  N   ? ? ? 1_555 E 9GE .  C  ? ? A ASP 1   A 9GE 104 1_555 ? ? ? ? ? ? ? 1.343 ? ? 
covale3  covale both ? A DNP 2  C   ? ? ? 1_555 A CPI 3  N  ? ? A DNP 2   A CPI 3   1_555 ? ? ? ? ? ? ? 1.360 ? ? 
covale4  covale one  ? A DNP 2  NG  ? ? ? 1_555 A PRO 11 C  ? ? A DNP 2   A PRO 11  1_555 ? ? ? ? ? ? ? 1.324 ? ? 
covale5  covale both ? A CPI 3  C   ? ? ? 1_555 A ASP 4  N  ? ? A CPI 3   A ASP 4   1_555 ? ? ? ? ? ? ? 1.344 ? ? 
covale6  covale both ? A GLY 8  C   ? ? ? 1_555 A 2RA 9  N  ? ? A GLY 8   A 2RA 9   1_555 ? ? ? ? ? ? ? 1.318 ? ? 
covale7  covale both ? A 2RA 9  C   ? ? ? 1_555 A ILE 10 N  ? ? A 2RA 9   A ILE 10  1_555 ? ? ? ? ? ? ? 1.335 ? ? 
metalc1  metalc ?    ? A ASP 1  OD1 ? ? ? 1_555 C CA  .  CA ? ? A ASP 1   A CA  102 1_555 ? ? ? ? ? ? ? 2.332 ? ? 
metalc2  metalc ?    ? A DNP 2  O   ? ? ? 1_555 B CA  .  CA ? ? A DNP 2   A CA  101 1_555 ? ? ? ? ? ? ? 2.335 ? ? 
metalc3  metalc ?    ? A ASP 4  OD2 ? ? ? 1_555 C CA  .  CA ? ? A ASP 4   A CA  102 5_555 ? ? ? ? ? ? ? 2.295 ? ? 
metalc4  metalc ?    ? A ASP 5  OD1 ? ? ? 1_555 B CA  .  CA ? ? A ASP 5   A CA  101 1_555 ? ? ? ? ? ? ? 2.322 ? ? 
metalc5  metalc ?    ? A GLY 6  O   ? ? ? 1_555 B CA  .  CA ? ? A GLY 6   A CA  101 1_555 ? ? ? ? ? ? ? 2.355 ? ? 
metalc6  metalc ?    ? A ASP 7  OD1 ? ? ? 1_555 C CA  .  CA ? ? A ASP 7   A CA  102 1_555 ? ? ? ? ? ? ? 2.291 ? ? 
metalc7  metalc ?    ? A GLY 8  O   ? ? ? 1_555 B CA  .  CA ? ? A GLY 8   A CA  101 1_555 ? ? ? ? ? ? ? 2.300 ? ? 
metalc8  metalc ?    ? A ILE 10 O   ? ? ? 1_555 B CA  .  CA ? ? A ILE 10  A CA  101 1_555 ? ? ? ? ? ? ? 2.298 ? ? 
metalc9  metalc ?    ? B CA  .  CA  ? ? ? 1_555 D RDZ .  O3 A ? A CA  101 A RDZ 103 1_555 ? ? ? ? ? ? ? 2.264 ? ? 
metalc10 metalc ?    ? B CA  .  CA  ? ? ? 1_555 D RDZ .  O3 B ? A CA  101 A RDZ 103 1_555 ? ? ? ? ? ? ? 2.289 ? ? 
metalc11 metalc ?    ? C CA  .  CA  ? ? ? 1_555 D RDZ .  O2 A ? A CA  102 A RDZ 103 1_555 ? ? ? ? ? ? ? 2.288 ? ? 
metalc12 metalc ?    ? C CA  .  CA  ? ? ? 1_555 D RDZ .  O2 B ? A CA  102 A RDZ 103 1_555 ? ? ? ? ? ? ? 2.218 ? ? 
metalc13 metalc ?    ? C CA  .  CA  ? ? ? 1_555 E 9GE .  O  ? ? A CA  102 A 9GE 104 1_555 ? ? ? ? ? ? ? 2.333 ? ? 
metalc14 metalc ?    ? C CA  .  CA  ? ? ? 1_555 F HOH .  O  ? ? A CA  102 A HOH 212 1_555 ? ? ? ? ? ? ? 2.395 ? ? 
# 
loop_
_struct_conn_type.id 
_struct_conn_type.criteria 
_struct_conn_type.reference 
covale ? ? 
metalc ? ? 
# 
loop_
_pdbx_struct_conn_angle.id 
_pdbx_struct_conn_angle.ptnr1_label_atom_id 
_pdbx_struct_conn_angle.ptnr1_label_alt_id 
_pdbx_struct_conn_angle.ptnr1_label_asym_id 
_pdbx_struct_conn_angle.ptnr1_label_comp_id 
_pdbx_struct_conn_angle.ptnr1_label_seq_id 
_pdbx_struct_conn_angle.ptnr1_auth_atom_id 
_pdbx_struct_conn_angle.ptnr1_auth_asym_id 
_pdbx_struct_conn_angle.ptnr1_auth_comp_id 
_pdbx_struct_conn_angle.ptnr1_auth_seq_id 
_pdbx_struct_conn_angle.ptnr1_PDB_ins_code 
_pdbx_struct_conn_angle.ptnr1_symmetry 
_pdbx_struct_conn_angle.ptnr2_label_atom_id 
_pdbx_struct_conn_angle.ptnr2_label_alt_id 
_pdbx_struct_conn_angle.ptnr2_label_asym_id 
_pdbx_struct_conn_angle.ptnr2_label_comp_id 
_pdbx_struct_conn_angle.ptnr2_label_seq_id 
_pdbx_struct_conn_angle.ptnr2_auth_atom_id 
_pdbx_struct_conn_angle.ptnr2_auth_asym_id 
_pdbx_struct_conn_angle.ptnr2_auth_comp_id 
_pdbx_struct_conn_angle.ptnr2_auth_seq_id 
_pdbx_struct_conn_angle.ptnr2_PDB_ins_code 
_pdbx_struct_conn_angle.ptnr2_symmetry 
_pdbx_struct_conn_angle.ptnr3_label_atom_id 
_pdbx_struct_conn_angle.ptnr3_label_alt_id 
_pdbx_struct_conn_angle.ptnr3_label_asym_id 
_pdbx_struct_conn_angle.ptnr3_label_comp_id 
_pdbx_struct_conn_angle.ptnr3_label_seq_id 
_pdbx_struct_conn_angle.ptnr3_auth_atom_id 
_pdbx_struct_conn_angle.ptnr3_auth_asym_id 
_pdbx_struct_conn_angle.ptnr3_auth_comp_id 
_pdbx_struct_conn_angle.ptnr3_auth_seq_id 
_pdbx_struct_conn_angle.ptnr3_PDB_ins_code 
_pdbx_struct_conn_angle.ptnr3_symmetry 
_pdbx_struct_conn_angle.value 
_pdbx_struct_conn_angle.value_esd 
1  OD1 ? A ASP 1  ? A ASP 1   ? 1_555 CA ? C CA . ? A CA 102 ? 1_555 OD2 ? A ASP 4  ? A ASP 4   ? 1_555 35.8  ? 
2  OD1 ? A ASP 1  ? A ASP 1   ? 1_555 CA ? C CA . ? A CA 102 ? 1_555 OD1 ? A ASP 7  ? A ASP 7   ? 1_555 90.0  ? 
3  OD2 ? A ASP 4  ? A ASP 4   ? 1_555 CA ? C CA . ? A CA 102 ? 1_555 OD1 ? A ASP 7  ? A ASP 7   ? 1_555 96.9  ? 
4  OD1 ? A ASP 1  ? A ASP 1   ? 1_555 CA ? C CA . ? A CA 102 ? 1_555 O2  A D RDZ .  ? A RDZ 103 ? 1_555 92.2  ? 
5  OD2 ? A ASP 4  ? A ASP 4   ? 1_555 CA ? C CA . ? A CA 102 ? 1_555 O2  A D RDZ .  ? A RDZ 103 ? 1_555 57.6  ? 
6  OD1 ? A ASP 7  ? A ASP 7   ? 1_555 CA ? C CA . ? A CA 102 ? 1_555 O2  A D RDZ .  ? A RDZ 103 ? 1_555 87.9  ? 
7  OD1 ? A ASP 1  ? A ASP 1   ? 1_555 CA ? C CA . ? A CA 102 ? 1_555 O2  B D RDZ .  ? A RDZ 103 ? 1_555 95.4  ? 
8  OD2 ? A ASP 4  ? A ASP 4   ? 1_555 CA ? C CA . ? A CA 102 ? 1_555 O2  B D RDZ .  ? A RDZ 103 ? 1_555 59.8  ? 
9  OD1 ? A ASP 7  ? A ASP 7   ? 1_555 CA ? C CA . ? A CA 102 ? 1_555 O2  B D RDZ .  ? A RDZ 103 ? 1_555 95.8  ? 
10 O2  A D RDZ .  ? A RDZ 103 ? 1_555 CA ? C CA . ? A CA 102 ? 1_555 O2  B D RDZ .  ? A RDZ 103 ? 1_555 8.5   ? 
11 OD1 ? A ASP 1  ? A ASP 1   ? 1_555 CA ? C CA . ? A CA 102 ? 1_555 O   ? E 9GE .  ? A 9GE 104 ? 1_555 83.6  ? 
12 OD2 ? A ASP 4  ? A ASP 4   ? 1_555 CA ? C CA . ? A CA 102 ? 1_555 O   ? E 9GE .  ? A 9GE 104 ? 1_555 79.5  ? 
13 OD1 ? A ASP 7  ? A ASP 7   ? 1_555 CA ? C CA . ? A CA 102 ? 1_555 O   ? E 9GE .  ? A 9GE 104 ? 1_555 173.1 ? 
14 O2  A D RDZ .  ? A RDZ 103 ? 1_555 CA ? C CA . ? A CA 102 ? 1_555 O   ? E 9GE .  ? A 9GE 104 ? 1_555 95.0  ? 
15 O2  B D RDZ .  ? A RDZ 103 ? 1_555 CA ? C CA . ? A CA 102 ? 1_555 O   ? E 9GE .  ? A 9GE 104 ? 1_555 87.5  ? 
16 OD1 ? A ASP 1  ? A ASP 1   ? 1_555 CA ? C CA . ? A CA 102 ? 1_555 O   ? F HOH .  ? A HOH 212 ? 1_555 176.0 ? 
17 OD2 ? A ASP 4  ? A ASP 4   ? 1_555 CA ? C CA . ? A CA 102 ? 1_555 O   ? F HOH .  ? A HOH 212 ? 1_555 140.2 ? 
18 OD1 ? A ASP 7  ? A ASP 7   ? 1_555 CA ? C CA . ? A CA 102 ? 1_555 O   ? F HOH .  ? A HOH 212 ? 1_555 90.7  ? 
19 O2  A D RDZ .  ? A RDZ 103 ? 1_555 CA ? C CA . ? A CA 102 ? 1_555 O   ? F HOH .  ? A HOH 212 ? 1_555 83.8  ? 
20 O2  B D RDZ .  ? A RDZ 103 ? 1_555 CA ? C CA . ? A CA 102 ? 1_555 O   ? F HOH .  ? A HOH 212 ? 1_555 80.6  ? 
21 O   ? E 9GE .  ? A 9GE 104 ? 1_555 CA ? C CA . ? A CA 102 ? 1_555 O   ? F HOH .  ? A HOH 212 ? 1_555 95.8  ? 
22 O   ? A DNP 2  ? A DNP 2   ? 1_555 CA ? B CA . ? A CA 101 ? 1_555 OD1 ? A ASP 5  ? A ASP 5   ? 1_555 85.1  ? 
23 O   ? A DNP 2  ? A DNP 2   ? 1_555 CA ? B CA . ? A CA 101 ? 1_555 O   ? A GLY 6  ? A GLY 6   ? 1_555 100.6 ? 
24 OD1 ? A ASP 5  ? A ASP 5   ? 1_555 CA ? B CA . ? A CA 101 ? 1_555 O   ? A GLY 6  ? A GLY 6   ? 1_555 89.3  ? 
25 O   ? A DNP 2  ? A DNP 2   ? 1_555 CA ? B CA . ? A CA 101 ? 1_555 O   ? A GLY 8  ? A GLY 8   ? 1_555 167.7 ? 
26 OD1 ? A ASP 5  ? A ASP 5   ? 1_555 CA ? B CA . ? A CA 101 ? 1_555 O   ? A GLY 8  ? A GLY 8   ? 1_555 96.8  ? 
27 O   ? A GLY 6  ? A GLY 6   ? 1_555 CA ? B CA . ? A CA 101 ? 1_555 O   ? A GLY 8  ? A GLY 8   ? 1_555 91.6  ? 
28 O   ? A DNP 2  ? A DNP 2   ? 1_555 CA ? B CA . ? A CA 101 ? 1_555 O   ? A ILE 10 ? A ILE 10  ? 1_555 80.4  ? 
29 OD1 ? A ASP 5  ? A ASP 5   ? 1_555 CA ? B CA . ? A CA 101 ? 1_555 O   ? A ILE 10 ? A ILE 10  ? 1_555 90.4  ? 
30 O   ? A GLY 6  ? A GLY 6   ? 1_555 CA ? B CA . ? A CA 101 ? 1_555 O   ? A ILE 10 ? A ILE 10  ? 1_555 178.9 ? 
31 O   ? A GLY 8  ? A GLY 8   ? 1_555 CA ? B CA . ? A CA 101 ? 1_555 O   ? A ILE 10 ? A ILE 10  ? 1_555 87.4  ? 
32 O   ? A DNP 2  ? A DNP 2   ? 1_555 CA ? B CA . ? A CA 101 ? 1_555 O3  A D RDZ .  ? A RDZ 103 ? 1_555 87.5  ? 
33 OD1 ? A ASP 5  ? A ASP 5   ? 1_555 CA ? B CA . ? A CA 101 ? 1_555 O3  A D RDZ .  ? A RDZ 103 ? 1_555 172.6 ? 
34 O   ? A GLY 6  ? A GLY 6   ? 1_555 CA ? B CA . ? A CA 101 ? 1_555 O3  A D RDZ .  ? A RDZ 103 ? 1_555 91.9  ? 
35 O   ? A GLY 8  ? A GLY 8   ? 1_555 CA ? B CA . ? A CA 101 ? 1_555 O3  A D RDZ .  ? A RDZ 103 ? 1_555 90.5  ? 
36 O   ? A ILE 10 ? A ILE 10  ? 1_555 CA ? B CA . ? A CA 101 ? 1_555 O3  A D RDZ .  ? A RDZ 103 ? 1_555 88.5  ? 
37 O   ? A DNP 2  ? A DNP 2   ? 1_555 CA ? B CA . ? A CA 101 ? 1_555 O3  B D RDZ .  ? A RDZ 103 ? 1_555 85.8  ? 
38 OD1 ? A ASP 5  ? A ASP 5   ? 1_555 CA ? B CA . ? A CA 101 ? 1_555 O3  B D RDZ .  ? A RDZ 103 ? 1_555 170.4 ? 
39 O   ? A GLY 6  ? A GLY 6   ? 1_555 CA ? B CA . ? A CA 101 ? 1_555 O3  B D RDZ .  ? A RDZ 103 ? 1_555 89.3  ? 
40 O   ? A GLY 8  ? A GLY 8   ? 1_555 CA ? B CA . ? A CA 101 ? 1_555 O3  B D RDZ .  ? A RDZ 103 ? 1_555 92.8  ? 
41 O   ? A ILE 10 ? A ILE 10  ? 1_555 CA ? B CA . ? A CA 101 ? 1_555 O3  B D RDZ .  ? A RDZ 103 ? 1_555 91.2  ? 
42 O3  A D RDZ .  ? A RDZ 103 ? 1_555 CA ? B CA . ? A CA 101 ? 1_555 O3  B D RDZ .  ? A RDZ 103 ? 1_555 3.4   ? 
# 
_pdbx_entry_details.entry_id                 7AG5 
_pdbx_entry_details.has_ligand_of_interest   N 
_pdbx_entry_details.compound_details         ? 
_pdbx_entry_details.source_details           ? 
_pdbx_entry_details.nonpolymer_details       ? 
_pdbx_entry_details.sequence_details         ? 
# 
loop_
_chem_comp_atom.comp_id 
_chem_comp_atom.atom_id 
_chem_comp_atom.type_symbol 
_chem_comp_atom.pdbx_aromatic_flag 
_chem_comp_atom.pdbx_stereo_config 
_chem_comp_atom.pdbx_ordinal 
2RA C    C  N N 1   
2RA N    N  N N 2   
2RA O    O  N N 3   
2RA CA   C  N R 4   
2RA CB   C  N N 5   
2RA NG   N  N N 6   
2RA OXT  O  N N 7   
2RA H    H  N N 8   
2RA H2   H  N N 9   
2RA HA   H  N N 10  
2RA HB1  H  N N 11  
2RA HB2  H  N N 12  
2RA HG1  H  N N 13  
2RA HG2  H  N N 14  
2RA HXT  H  N N 15  
9GE C    C  N N 16  
9GE O    O  N N 17  
9GE CA   C  N N 18  
9GE C04  C  N N 19  
9GE C05  C  N N 20  
9GE C06  C  N N 21  
9GE O1   O  N N 22  
9GE H1   H  N N 23  
9GE H2   H  N N 24  
9GE H3   H  N N 25  
9GE H4   H  N N 26  
9GE H5   H  N N 27  
9GE H6   H  N N 28  
9GE H8   H  N N 29  
9GE C1   C  N N 30  
9GE C2   C  N N 31  
9GE C3   C  N N 32  
9GE C4   C  N N 33  
9GE C5   C  N N 34  
9GE C6   C  N N 35  
9GE C7   C  N N 36  
9GE C8   C  N N 37  
9GE C9   C  N N 38  
9GE C10  C  N N 39  
9GE H7   H  N N 40  
9GE H9   H  N N 41  
9GE H10  H  N N 42  
9GE H11  H  N N 43  
9GE H12  H  N N 44  
9GE H13  H  N N 45  
9GE H14  H  N N 46  
9GE H15  H  N N 47  
9GE H16  H  N N 48  
9GE H17  H  N N 49  
9GE H18  H  N N 50  
9GE H19  H  N N 51  
9GE H20  H  N N 52  
9GE H21  H  N N 53  
9GE H22  H  N N 54  
9GE H23  H  N N 55  
9GE H24  H  N N 56  
9GE H25  H  N N 57  
9GE H26  H  N N 58  
9GE H27  H  N N 59  
9GE H28  H  N N 60  
ASP N    N  N N 61  
ASP CA   C  N S 62  
ASP C    C  N N 63  
ASP O    O  N N 64  
ASP CB   C  N N 65  
ASP CG   C  N N 66  
ASP OD1  O  N N 67  
ASP OD2  O  N N 68  
ASP OXT  O  N N 69  
ASP H    H  N N 70  
ASP H2   H  N N 71  
ASP HA   H  N N 72  
ASP HB2  H  N N 73  
ASP HB3  H  N N 74  
ASP HD2  H  N N 75  
ASP HXT  H  N N 76  
CA  CA   CA N N 77  
CPI N    N  N N 78  
CPI CE   C  N N 79  
CPI CD   C  N N 80  
CPI CG   C  N N 81  
CPI CB   C  N N 82  
CPI CA   C  N R 83  
CPI C    C  N N 84  
CPI O    O  N N 85  
CPI H    H  N N 86  
CPI HE2  H  N N 87  
CPI HE3  H  N N 88  
CPI HD2  H  N N 89  
CPI HD3  H  N N 90  
CPI HG2  H  N N 91  
CPI HG3  H  N N 92  
CPI HB2  H  N N 93  
CPI HB3  H  N N 94  
CPI HA   H  N N 95  
CPI OXT  O  N N 96  
CPI HXT  H  N N 97  
DNP N    N  N N 98  
DNP CA   C  N S 99  
DNP CB   C  N N 100 
DNP NG   N  N N 101 
DNP C    C  N N 102 
DNP O    O  N N 103 
DNP OXT  O  N N 104 
DNP H    H  N N 105 
DNP H2   H  N N 106 
DNP HA   H  N N 107 
DNP HB2  H  N N 108 
DNP HB3  H  N N 109 
DNP HG1  H  N N 110 
DNP HG2  H  N N 111 
DNP HG3  H  N N 112 
DNP HXT  H  N N 113 
GLY N    N  N N 114 
GLY CA   C  N N 115 
GLY C    C  N N 116 
GLY O    O  N N 117 
GLY OXT  O  N N 118 
GLY H    H  N N 119 
GLY H2   H  N N 120 
GLY HA2  H  N N 121 
GLY HA3  H  N N 122 
GLY HXT  H  N N 123 
HOH O    O  N N 124 
HOH H1   H  N N 125 
HOH H2   H  N N 126 
ILE N    N  N N 127 
ILE CA   C  N S 128 
ILE C    C  N N 129 
ILE O    O  N N 130 
ILE CB   C  N S 131 
ILE CG1  C  N N 132 
ILE CG2  C  N N 133 
ILE CD1  C  N N 134 
ILE OXT  O  N N 135 
ILE H    H  N N 136 
ILE H2   H  N N 137 
ILE HA   H  N N 138 
ILE HB   H  N N 139 
ILE HG12 H  N N 140 
ILE HG13 H  N N 141 
ILE HG21 H  N N 142 
ILE HG22 H  N N 143 
ILE HG23 H  N N 144 
ILE HD11 H  N N 145 
ILE HD12 H  N N 146 
ILE HD13 H  N N 147 
ILE HXT  H  N N 148 
PRO N    N  N N 149 
PRO CA   C  N S 150 
PRO C    C  N N 151 
PRO O    O  N N 152 
PRO CB   C  N N 153 
PRO CG   C  N N 154 
PRO CD   C  N N 155 
PRO OXT  O  N N 156 
PRO H    H  N N 157 
PRO HA   H  N N 158 
PRO HB2  H  N N 159 
PRO HB3  H  N N 160 
PRO HG2  H  N N 161 
PRO HG3  H  N N 162 
PRO HD2  H  N N 163 
PRO HD3  H  N N 164 
PRO HXT  H  N N 165 
RDZ C1   C  N N 166 
RDZ C2   C  N N 167 
RDZ C3   C  N N 168 
RDZ C4   C  N N 169 
RDZ C5   C  N N 170 
RDZ C6   C  N N 171 
RDZ C7   C  N N 172 
RDZ C8   C  N N 173 
RDZ O1   O  N N 174 
RDZ P1   P  N N 175 
RDZ O2   O  N N 176 
RDZ O3   O  N N 177 
RDZ O4   O  N N 178 
RDZ C9   C  N N 179 
RDZ C10  C  N N 180 
RDZ H2   H  N N 181 
RDZ H3   H  N N 182 
RDZ H1   H  N N 183 
RDZ H4   H  N N 184 
RDZ H5   H  N N 185 
RDZ H6   H  N N 186 
RDZ H7   H  N N 187 
RDZ H8   H  N N 188 
RDZ H9   H  N N 189 
RDZ H10  H  N N 190 
RDZ H11  H  N N 191 
RDZ H22  H  N N 192 
RDZ H23  H  N N 193 
RDZ H13  H  N N 194 
RDZ H14  H  N N 195 
RDZ H12  H  N N 196 
RDZ H16  H  N N 197 
RDZ H17  H  N N 198 
RDZ H15  H  N N 199 
# 
loop_
_chem_comp_bond.comp_id 
_chem_comp_bond.atom_id_1 
_chem_comp_bond.atom_id_2 
_chem_comp_bond.value_order 
_chem_comp_bond.pdbx_aromatic_flag 
_chem_comp_bond.pdbx_stereo_config 
_chem_comp_bond.pdbx_ordinal 
2RA C   O    doub N N 1   
2RA C   CA   sing N N 2   
2RA C   OXT  sing N N 3   
2RA N   CA   sing N N 4   
2RA CA  CB   sing N N 5   
2RA CB  NG   sing N N 6   
2RA N   H    sing N N 7   
2RA N   H2   sing N N 8   
2RA CA  HA   sing N N 9   
2RA CB  HB1  sing N N 10  
2RA CB  HB2  sing N N 11  
2RA NG  HG1  sing N N 12  
2RA NG  HG2  sing N N 13  
2RA OXT HXT  sing N N 14  
9GE C06 C05  sing N N 15  
9GE C05 C04  sing N N 16  
9GE C04 CA   doub N E 17  
9GE CA  C    sing N N 18  
9GE C   O    doub N N 19  
9GE C   O1   sing N N 20  
9GE CA  H1   sing N N 21  
9GE C04 H2   sing N N 22  
9GE C05 H3   sing N N 23  
9GE C05 H4   sing N N 24  
9GE C06 H5   sing N N 25  
9GE C06 H6   sing N N 26  
9GE O1  H8   sing N N 27  
9GE C06 C1   sing N N 28  
9GE C1  C2   sing N N 29  
9GE C2  C3   sing N N 30  
9GE C3  C4   sing N N 31  
9GE C4  C5   sing N N 32  
9GE C5  C6   sing N N 33  
9GE C6  C7   sing N N 34  
9GE C7  C8   sing N N 35  
9GE C8  C9   sing N N 36  
9GE C8  C10  sing N N 37  
9GE C1  H7   sing N N 38  
9GE C1  H9   sing N N 39  
9GE C2  H10  sing N N 40  
9GE C2  H11  sing N N 41  
9GE C3  H12  sing N N 42  
9GE C3  H13  sing N N 43  
9GE C4  H14  sing N N 44  
9GE C4  H15  sing N N 45  
9GE C5  H16  sing N N 46  
9GE C5  H17  sing N N 47  
9GE C6  H18  sing N N 48  
9GE C6  H19  sing N N 49  
9GE C7  H20  sing N N 50  
9GE C7  H21  sing N N 51  
9GE C8  H22  sing N N 52  
9GE C9  H23  sing N N 53  
9GE C9  H24  sing N N 54  
9GE C9  H25  sing N N 55  
9GE C10 H26  sing N N 56  
9GE C10 H27  sing N N 57  
9GE C10 H28  sing N N 58  
ASP N   CA   sing N N 59  
ASP N   H    sing N N 60  
ASP N   H2   sing N N 61  
ASP CA  C    sing N N 62  
ASP CA  CB   sing N N 63  
ASP CA  HA   sing N N 64  
ASP C   O    doub N N 65  
ASP C   OXT  sing N N 66  
ASP CB  CG   sing N N 67  
ASP CB  HB2  sing N N 68  
ASP CB  HB3  sing N N 69  
ASP CG  OD1  doub N N 70  
ASP CG  OD2  sing N N 71  
ASP OD2 HD2  sing N N 72  
ASP OXT HXT  sing N N 73  
CPI N   CE   sing N N 74  
CPI N   CA   sing N N 75  
CPI N   H    sing N N 76  
CPI CE  CD   sing N N 77  
CPI CE  HE2  sing N N 78  
CPI CE  HE3  sing N N 79  
CPI CD  CG   sing N N 80  
CPI CD  HD2  sing N N 81  
CPI CD  HD3  sing N N 82  
CPI CG  CB   sing N N 83  
CPI CG  HG2  sing N N 84  
CPI CG  HG3  sing N N 85  
CPI CB  CA   sing N N 86  
CPI CB  HB2  sing N N 87  
CPI CB  HB3  sing N N 88  
CPI CA  C    sing N N 89  
CPI CA  HA   sing N N 90  
CPI C   O    doub N N 91  
CPI C   OXT  sing N N 92  
CPI OXT HXT  sing N N 93  
DNP N   CA   sing N N 94  
DNP N   H    sing N N 95  
DNP N   H2   sing N N 96  
DNP CA  CB   sing N N 97  
DNP CA  C    sing N N 98  
DNP CA  HA   sing N N 99  
DNP CB  NG   sing N N 100 
DNP CB  HB2  sing N N 101 
DNP CB  HB3  sing N N 102 
DNP NG  HG1  sing N N 103 
DNP NG  HG2  sing N N 104 
DNP NG  HG3  sing N N 105 
DNP C   O    doub N N 106 
DNP C   OXT  sing N N 107 
DNP OXT HXT  sing N N 108 
GLY N   CA   sing N N 109 
GLY N   H    sing N N 110 
GLY N   H2   sing N N 111 
GLY CA  C    sing N N 112 
GLY CA  HA2  sing N N 113 
GLY CA  HA3  sing N N 114 
GLY C   O    doub N N 115 
GLY C   OXT  sing N N 116 
GLY OXT HXT  sing N N 117 
HOH O   H1   sing N N 118 
HOH O   H2   sing N N 119 
ILE N   CA   sing N N 120 
ILE N   H    sing N N 121 
ILE N   H2   sing N N 122 
ILE CA  C    sing N N 123 
ILE CA  CB   sing N N 124 
ILE CA  HA   sing N N 125 
ILE C   O    doub N N 126 
ILE C   OXT  sing N N 127 
ILE CB  CG1  sing N N 128 
ILE CB  CG2  sing N N 129 
ILE CB  HB   sing N N 130 
ILE CG1 CD1  sing N N 131 
ILE CG1 HG12 sing N N 132 
ILE CG1 HG13 sing N N 133 
ILE CG2 HG21 sing N N 134 
ILE CG2 HG22 sing N N 135 
ILE CG2 HG23 sing N N 136 
ILE CD1 HD11 sing N N 137 
ILE CD1 HD12 sing N N 138 
ILE CD1 HD13 sing N N 139 
ILE OXT HXT  sing N N 140 
PRO N   CA   sing N N 141 
PRO N   CD   sing N N 142 
PRO N   H    sing N N 143 
PRO CA  C    sing N N 144 
PRO CA  CB   sing N N 145 
PRO CA  HA   sing N N 146 
PRO C   O    doub N N 147 
PRO C   OXT  sing N N 148 
PRO CB  CG   sing N N 149 
PRO CB  HB2  sing N N 150 
PRO CB  HB3  sing N N 151 
PRO CG  CD   sing N N 152 
PRO CG  HG2  sing N N 153 
PRO CG  HG3  sing N N 154 
PRO CD  HD2  sing N N 155 
PRO CD  HD3  sing N N 156 
PRO OXT HXT  sing N N 157 
RDZ C10 C2   sing N N 158 
RDZ C1  C2   sing N N 159 
RDZ C2  C3   doub N N 160 
RDZ C3  C4   sing N N 161 
RDZ C5  C4   sing N N 162 
RDZ C5  C6   sing N N 163 
RDZ C6  C9   sing N N 164 
RDZ C6  C7   doub N E 165 
RDZ C7  C8   sing N N 166 
RDZ C8  O1   sing N N 167 
RDZ O1  P1   sing N N 168 
RDZ P1  O4   doub N N 169 
RDZ P1  O3   sing N N 170 
RDZ P1  O2   sing N N 171 
RDZ C1  H2   sing N N 172 
RDZ C1  H3   sing N N 173 
RDZ C1  H1   sing N N 174 
RDZ C3  H4   sing N N 175 
RDZ C4  H5   sing N N 176 
RDZ C4  H6   sing N N 177 
RDZ C5  H7   sing N N 178 
RDZ C5  H8   sing N N 179 
RDZ C7  H9   sing N N 180 
RDZ C8  H10  sing N N 181 
RDZ C8  H11  sing N N 182 
RDZ O2  H22  sing N N 183 
RDZ O3  H23  sing N N 184 
RDZ C9  H13  sing N N 185 
RDZ C9  H14  sing N N 186 
RDZ C9  H12  sing N N 187 
RDZ C10 H16  sing N N 188 
RDZ C10 H17  sing N N 189 
RDZ C10 H15  sing N N 190 
# 
_pdbx_initial_refinement_model.id               1 
_pdbx_initial_refinement_model.entity_id_list   ? 
_pdbx_initial_refinement_model.type             'experimental model' 
_pdbx_initial_refinement_model.source_name      PDB 
_pdbx_initial_refinement_model.accession_code   5O0Z 
_pdbx_initial_refinement_model.details          ? 
# 
_atom_sites.entry_id                    7AG5 
_atom_sites.Cartn_transf_matrix[1][1]   ? 
_atom_sites.Cartn_transf_matrix[1][2]   ? 
_atom_sites.Cartn_transf_matrix[1][3]   ? 
_atom_sites.Cartn_transf_matrix[2][1]   ? 
_atom_sites.Cartn_transf_matrix[2][2]   ? 
_atom_sites.Cartn_transf_matrix[2][3]   ? 
_atom_sites.Cartn_transf_matrix[3][1]   ? 
_atom_sites.Cartn_transf_matrix[3][2]   ? 
_atom_sites.Cartn_transf_matrix[3][3]   ? 
_atom_sites.Cartn_transf_vector[1]      ? 
_atom_sites.Cartn_transf_vector[2]      ? 
_atom_sites.Cartn_transf_vector[3]      ? 
_atom_sites.fract_transf_matrix[1][1]   -0.02224140 
_atom_sites.fract_transf_matrix[1][2]   -0.01538057 
_atom_sites.fract_transf_matrix[1][3]   0.00919378 
_atom_sites.fract_transf_matrix[2][1]   -0.00207938 
_atom_sites.fract_transf_matrix[2][2]   -0.00700890 
_atom_sites.fract_transf_matrix[2][3]   0.02761049 
_atom_sites.fract_transf_matrix[3][1]   -0.01643066 
_atom_sites.fract_transf_matrix[3][2]   0.02713815 
_atom_sites.fract_transf_matrix[3][3]   0.00565158 
_atom_sites.fract_transf_vector[1]      0.108063 
_atom_sites.fract_transf_vector[2]      0.460408 
_atom_sites.fract_transf_vector[3]      0.291250 
_atom_sites.solution_primary            ? 
_atom_sites.solution_secondary          ? 
_atom_sites.solution_hydrogens          ? 
_atom_sites.special_details             ? 
# 
loop_
_atom_type.symbol 
C  
CA 
H  
N  
O  
P  
# 
loop_
_atom_site.group_PDB 
_atom_site.id 
_atom_site.type_symbol 
_atom_site.label_atom_id 
_atom_site.label_alt_id 
_atom_site.label_comp_id 
_atom_site.label_asym_id 
_atom_site.label_entity_id 
_atom_site.label_seq_id 
_atom_site.pdbx_PDB_ins_code 
_atom_site.Cartn_x 
_atom_site.Cartn_y 
_atom_site.Cartn_z 
_atom_site.occupancy 
_atom_site.B_iso_or_equiv 
_atom_site.pdbx_formal_charge 
_atom_site.auth_seq_id 
_atom_site.auth_comp_id 
_atom_site.auth_asym_id 
_atom_site.auth_atom_id 
_atom_site.pdbx_PDB_model_num 
ATOM   1   N  N    . ASP A 1 1  ? 3.047  0.123  -4.157 1.00 9.31  ? 1   ASP A N    1 
ATOM   2   C  CA   . ASP A 1 1  ? 2.130  0.026  -3.049 1.00 9.05  ? 1   ASP A CA   1 
ATOM   3   C  C    . ASP A 1 1  ? 1.758  -1.430 -2.801 1.00 9.65  ? 1   ASP A C    1 
ATOM   4   O  O    . ASP A 1 1  ? 1.792  -2.262 -3.707 1.00 12.70 ? 1   ASP A O    1 
ATOM   5   C  CB   . ASP A 1 1  ? 0.856  0.808  -3.299 1.00 9.15  ? 1   ASP A CB   1 
ATOM   6   C  CG   . ASP A 1 1  ? 1.004  2.303  -3.512 1.00 10.03 ? 1   ASP A CG   1 
ATOM   7   O  OD1  . ASP A 1 1  ? 2.030  2.889  -3.024 1.00 9.14  ? 1   ASP A OD1  1 
ATOM   8   O  OD2  . ASP A 1 1  ? 0.101  2.895  -4.139 1.00 13.06 ? 1   ASP A OD2  1 
ATOM   9   H  H1   . ASP A 1 1  ? 2.751  -0.237 -4.941 1.00 9.16  ? 1   ASP A H1   1 
ATOM   10  H  HA   . ASP A 1 1  ? 2.566  0.383  -2.243 1.00 9.32  ? 1   ASP A HA   1 
ATOM   11  H  HB2  . ASP A 1 1  ? 0.418  0.437  -4.092 1.00 9.18  ? 1   ASP A HB2  1 
ATOM   12  H  HB3  . ASP A 1 1  ? 0.257  0.676  -2.535 1.00 9.24  ? 1   ASP A HB3  1 
HETATM 13  N  N    . DNP A 1 2  ? 1.316  -1.698 -1.587 1.00 8.33  ? 2   DNP A N    1 
HETATM 14  C  CA   . DNP A 1 2  ? 0.803  -3.009 -1.225 1.00 8.01  ? 2   DNP A CA   1 
HETATM 15  C  CB   . DNP A 1 2  ? 1.841  -3.776 -0.408 1.00 8.73  ? 2   DNP A CB   1 
HETATM 16  N  NG   . DNP A 1 2  ? 2.195  -3.115 0.831  1.00 8.18  ? 2   DNP A NG   1 
HETATM 17  C  C    . DNP A 1 2  ? -0.495 -2.869 -0.442 1.00 7.39  ? 2   DNP A C    1 
HETATM 18  O  O    . DNP A 1 2  ? -0.800 -1.802 0.081  1.00 7.55  ? 2   DNP A O    1 
HETATM 19  H  H    . DNP A 1 2  ? 1.322  -0.974 -0.888 1.00 8.50  ? 2   DNP A H    1 
HETATM 20  H  HA   . DNP A 1 2  ? 0.624  -3.512 -2.050 1.00 8.11  ? 2   DNP A HA   1 
HETATM 21  H  HB2  . DNP A 1 2  ? 2.647  -3.882 -0.953 1.00 8.43  ? 2   DNP A HB2  1 
HETATM 22  H  HB3  . DNP A 1 2  ? 1.488  -4.667 -0.212 1.00 8.67  ? 2   DNP A HB3  1 
HETATM 23  H  HG1  . DNP A 1 2  ? 2.752  -2.419 0.786  1.00 8.29  ? 2   DNP A HG1  1 
HETATM 24  N  N    . CPI A 1 3  ? -1.282 -3.971 -0.314 1.00 8.34  ? 3   CPI A N    1 
HETATM 25  C  CE   . CPI A 1 3  ? -1.155 -5.199 -1.110 1.00 9.23  ? 3   CPI A CE   1 
HETATM 26  C  CD   . CPI A 1 3  ? -1.103 -6.452 -0.271 1.00 11.46 ? 3   CPI A CD   1 
HETATM 27  C  CG   . CPI A 1 3  ? -2.245 -6.491 0.716  1.00 11.68 ? 3   CPI A CG   1 
HETATM 28  C  CB   . CPI A 1 3  ? -2.275 -5.226 1.547  1.00 10.71 ? 3   CPI A CB   1 
HETATM 29  C  CA   . CPI A 1 3  ? -2.337 -3.948 0.716  1.00 8.74  ? 3   CPI A CA   1 
HETATM 30  C  C    . CPI A 1 3  ? -3.727 -3.716 0.121  1.00 8.79  ? 3   CPI A C    1 
HETATM 31  O  O    . CPI A 1 3  ? -4.742 -4.003 0.744  1.00 10.59 ? 3   CPI A O    1 
HETATM 32  H  HE2  . CPI A 1 3  ? -1.933 -5.264 -1.732 1.00 9.19  ? 3   CPI A HE2  1 
HETATM 33  H  HE3  . CPI A 1 3  ? -0.331 -5.156 -1.663 1.00 9.23  ? 3   CPI A HE3  1 
HETATM 34  H  HD2  . CPI A 1 3  ? -1.149 -7.235 -0.859 1.00 10.90 ? 3   CPI A HD2  1 
HETATM 35  H  HD3  . CPI A 1 3  ? -0.249 -6.480 0.210  1.00 10.97 ? 3   CPI A HD3  1 
HETATM 36  H  HG2  . CPI A 1 3  ? -3.094 -6.587 0.232  1.00 11.31 ? 3   CPI A HG2  1 
HETATM 37  H  HG3  . CPI A 1 3  ? -2.142 -7.269 1.306  1.00 11.13 ? 3   CPI A HG3  1 
HETATM 38  H  HB2  . CPI A 1 3  ? -1.470 -5.199 2.111  1.00 10.43 ? 3   CPI A HB2  1 
HETATM 39  H  HB3  . CPI A 1 3  ? -3.055 -5.257 2.146  1.00 10.26 ? 3   CPI A HB3  1 
HETATM 40  H  HA   . CPI A 1 3  ? -2.152 -3.186 1.326  1.00 8.81  ? 3   CPI A HA   1 
ATOM   41  N  N    . ASP A 1 4  ? -3.781 -3.149 -1.096 1.00 8.54  ? 4   ASP A N    1 
ATOM   42  C  CA   . ASP A 1 4  ? -5.042 -2.684 -1.677 1.00 8.40  ? 4   ASP A CA   1 
ATOM   43  C  C    . ASP A 1 4  ? -5.636 -1.512 -0.901 1.00 9.19  ? 4   ASP A C    1 
ATOM   44  O  O    . ASP A 1 4  ? -6.842 -1.241 -0.940 1.00 12.33 ? 4   ASP A O    1 
ATOM   45  C  CB   . ASP A 1 4  ? -6.085 -3.782 -1.901 1.00 9.51  ? 4   ASP A CB   1 
ATOM   46  C  CG   . ASP A 1 4  ? -7.158 -3.370 -2.893 1.00 10.63 ? 4   ASP A CG   1 
ATOM   47  O  OD1  . ASP A 1 4  ? -6.846 -2.618 -3.856 1.00 13.28 ? 4   ASP A OD1  1 
ATOM   48  O  OD2  . ASP A 1 4  ? -8.310 -3.808 -2.749 1.00 11.28 ? 4   ASP A OD2  1 
ATOM   49  H  H    . ASP A 1 4  ? -3.049 -3.059 -1.551 1.00 8.49  ? 4   ASP A H    1 
ATOM   50  H  HA   . ASP A 1 4  ? -4.815 -2.342 -2.572 1.00 8.81  ? 4   ASP A HA   1 
ATOM   51  H  HB2  . ASP A 1 4  ? -5.638 -4.586 -2.234 1.00 9.38  ? 4   ASP A HB2  1 
ATOM   52  H  HB3  . ASP A 1 4  ? -6.517 -3.998 -1.050 1.00 9.64  ? 4   ASP A HB3  1 
ATOM   53  N  N    . ASP A 1 5  ? -4.771 -0.745 -0.213 1.00 8.07  ? 5   ASP A N    1 
ATOM   54  C  CA   . ASP A 1 5  ? -5.187 0.470  0.472  1.00 8.73  ? 5   ASP A CA   1 
ATOM   55  C  C    . ASP A 1 5  ? -4.325 1.660  0.069  1.00 8.91  ? 5   ASP A C    1 
ATOM   56  O  O    . ASP A 1 5  ? -4.347 2.688  0.743  1.00 10.61 ? 5   ASP A O    1 
ATOM   57  C  CB   . ASP A 1 5  ? -5.137 0.306  1.999  1.00 8.88  ? 5   ASP A CB   1 
ATOM   58  C  CG   . ASP A 1 5  ? -3.745 0.173  2.581  1.00 8.71  ? 5   ASP A CG   1 
ATOM   59  O  OD1  . ASP A 1 5  ? -2.818 -0.079 1.778  1.00 8.80  ? 5   ASP A OD1  1 
ATOM   60  O  OD2  . ASP A 1 5  ? -3.636 0.293  3.813  1.00 10.05 ? 5   ASP A OD2  1 
ATOM   61  H  H    . ASP A 1 5  ? -3.799 -1.013 -0.166 1.00 8.23  ? 5   ASP A H    1 
ATOM   62  H  HA   . ASP A 1 5  ? -6.118 0.666  0.218  1.00 8.77  ? 5   ASP A HA   1 
ATOM   63  H  HB2  . ASP A 1 5  ? -5.570 1.079  2.415  1.00 8.87  ? 5   ASP A HB2  1 
ATOM   64  H  HB3  . ASP A 1 5  ? -5.647 -0.493 2.244  1.00 8.76  ? 5   ASP A HB3  1 
ATOM   65  N  N    . GLY A 1 6  ? -3.631 1.555  -1.055 1.00 8.67  ? 6   GLY A N    1 
ATOM   66  C  CA   . GLY A 1 6  ? -2.804 2.644  -1.529 1.00 9.20  ? 6   GLY A CA   1 
ATOM   67  C  C    . GLY A 1 6  ? -1.494 2.758  -0.767 1.00 7.92  ? 6   GLY A C    1 
ATOM   68  O  O    . GLY A 1 6  ? -0.981 1.792  -0.203 1.00 8.01  ? 6   GLY A O    1 
ATOM   69  H  H    . GLY A 1 6  ? -3.682 0.711  -1.604 1.00 8.73  ? 6   GLY A H    1 
ATOM   70  H  HA2  . GLY A 1 6  ? -2.610 2.502  -2.490 1.00 9.23  ? 6   GLY A HA2  1 
ATOM   71  H  HA3  . GLY A 1 6  ? -3.308 3.492  -1.443 1.00 8.86  ? 6   GLY A HA3  1 
ATOM   72  N  N    . ASP A 1 7  ? -0.907 3.955  -0.887 1.00 9.16  ? 7   ASP A N    1 
ATOM   73  C  CA   . ASP A 1 7  ? 0.412  4.203  -0.397 1.00 8.22  ? 7   ASP A CA   1 
ATOM   74  C  C    . ASP A 1 7  ? 0.411  4.158  1.128  1.00 8.06  ? 7   ASP A C    1 
ATOM   75  O  O    . ASP A 1 7  ? -0.477 4.695  1.786  1.00 10.27 ? 7   ASP A O    1 
ATOM   76  C  CB   . ASP A 1 7  ? 0.880  5.580  -0.865 1.00 9.15  ? 7   ASP A CB   1 
ATOM   77  C  CG   . ASP A 1 7  ? 2.358  5.860  -0.615 1.00 8.43  ? 7   ASP A CG   1 
ATOM   78  O  OD1  . ASP A 1 7  ? 3.183  4.964  -0.774 1.00 8.84  ? 7   ASP A OD1  1 
ATOM   79  O  OD2  . ASP A 1 7  ? 2.664  7.018  -0.248 1.00 13.71 ? 7   ASP A OD2  1 
ATOM   80  H  H    . ASP A 1 7  ? -1.407 4.710  -1.337 1.00 8.53  ? 7   ASP A H    1 
ATOM   81  H  HA   . ASP A 1 7  ? 1.020  3.512  -0.746 1.00 8.45  ? 7   ASP A HA   1 
ATOM   82  H  HB2  . ASP A 1 7  ? 0.713  5.660  -1.827 1.00 8.82  ? 7   ASP A HB2  1 
ATOM   83  H  HB3  . ASP A 1 7  ? 0.355  6.267  -0.407 1.00 8.97  ? 7   ASP A HB3  1 
ATOM   84  N  N    . GLY A 1 8  ? 1.453  3.562  1.680  1.00 7.87  ? 8   GLY A N    1 
ATOM   85  C  CA   . GLY A 1 8  ? 1.525  3.426  3.124  1.00 8.26  ? 8   GLY A CA   1 
ATOM   86  C  C    . GLY A 1 8  ? 0.396  2.578  3.683  1.00 7.90  ? 8   GLY A C    1 
ATOM   87  O  O    . GLY A 1 8  ? -0.115 1.683  3.017  1.00 8.08  ? 8   GLY A O    1 
ATOM   88  H  H    . GLY A 1 8  ? 2.218  3.239  1.112  1.00 7.80  ? 8   GLY A H    1 
ATOM   89  H  HA2  . GLY A 1 8  ? 2.393  3.017  3.366  1.00 8.26  ? 8   GLY A HA2  1 
ATOM   90  H  HA3  . GLY A 1 8  ? 1.491  4.327  3.532  1.00 8.05  ? 8   GLY A HA3  1 
HETATM 91  C  C    . 2RA A 1 9  ? -0.435 0.517  5.603  1.00 7.69  ? 9   2RA A C    1 
HETATM 92  N  N    . 2RA A 1 9  ? 0.044  2.805  4.933  1.00 8.11  ? 9   2RA A N    1 
HETATM 93  O  O    . 2RA A 1 9  ? 0.711  0.236  6.015  1.00 7.91  ? 9   2RA A O    1 
HETATM 94  C  CA   . 2RA A 1 9  ? -0.925 1.945  5.627  1.00 8.13  ? 9   2RA A CA   1 
HETATM 95  C  CB   A 2RA A 1 9  ? -1.021 2.370  7.093  0.80 10.17 ? 9   2RA A CB   1 
HETATM 96  C  CB   B 2RA A 1 9  ? -1.133 2.424  7.065  0.20 10.06 ? 9   2RA A CB   1 
HETATM 97  N  NG   A 2RA A 1 9  ? 0.346  2.412  7.794  0.80 9.31  ? 9   2RA A NG   1 
HETATM 98  N  NG   B 2RA A 1 9  ? -2.045 1.585  7.848  0.20 12.54 ? 9   2RA A NG   1 
HETATM 99  H  H    . 2RA A 1 9  ? 0.437  3.592  5.424  1.00 8.18  ? 9   2RA A H    1 
HETATM 100 H  HA   . 2RA A 1 9  ? -1.801 2.007  5.180  1.00 8.31  ? 9   2RA A HA   1 
HETATM 101 H  HB1  A 2RA A 1 9  ? -1.607 1.743  7.571  0.80 9.82  ? 9   2RA A HB1  1 
HETATM 102 H  HB1  B 2RA A 1 9  ? -1.487 3.340  7.045  0.20 9.85  ? 9   2RA A HB1  1 
HETATM 103 H  HB2  A 2RA A 1 9  ? -1.431 3.262  7.140  0.80 9.45  ? 9   2RA A HB2  1 
HETATM 104 H  HB2  B 2RA A 1 9  ? -0.262 2.451  7.517  0.20 9.91  ? 9   2RA A HB2  1 
HETATM 105 H  HG1  A 2RA A 1 9  ? 0.355  1.840  8.474  0.80 9.23  ? 9   2RA A HG1  1 
HETATM 106 H  HG1  B 2RA A 1 9  ? -2.497 2.085  8.426  0.20 12.04 ? 9   2RA A HG1  1 
HETATM 107 H  HG2  A 2RA A 1 9  ? 1.000  2.176  7.242  0.80 9.39  ? 9   2RA A HG2  1 
HETATM 108 H  HG2  B 2RA A 1 9  ? -1.581 0.992  8.320  0.20 11.93 ? 9   2RA A HG2  1 
ATOM   109 N  N    . ILE A 1 10 ? -1.309 -0.425 5.242  1.00 8.15  ? 10  ILE A N    1 
ATOM   110 C  CA   . ILE A 1 10 ? -0.874 -1.806 5.221  1.00 7.79  ? 10  ILE A CA   1 
ATOM   111 C  C    . ILE A 1 10 ? 0.129  -1.981 4.095  1.00 7.87  ? 10  ILE A C    1 
ATOM   112 O  O    . ILE A 1 10 ? -0.113 -1.494 2.974  1.00 7.53  ? 10  ILE A O    1 
ATOM   113 C  CB   . ILE A 1 10 ? -2.088 -2.739 5.026  1.00 9.60  ? 10  ILE A CB   1 
ATOM   114 C  CG1  . ILE A 1 10 ? -3.231 -2.495 6.022  1.00 14.53 ? 10  ILE A CG1  1 
ATOM   115 C  CG2  . ILE A 1 10 ? -1.611 -4.177 4.980  1.00 11.02 ? 10  ILE A CG2  1 
ATOM   116 C  CD1  . ILE A 1 10 ? -2.980 -2.190 7.336  1.00 16.40 ? 10  ILE A CD1  1 
ATOM   117 H  H    . ILE A 1 10 ? -2.256 -0.187 4.984  1.00 7.97  ? 10  ILE A H    1 
ATOM   118 H  HA   . ILE A 1 10 ? -0.451 -2.017 6.069  1.00 8.19  ? 10  ILE A HA   1 
ATOM   119 H  HB   . ILE A 1 10 ? -2.454 -2.536 4.129  1.00 9.83  ? 10  ILE A HB   1 
ATOM   120 H  HG12 . ILE A 1 10 ? -3.780 -1.767 5.659  1.00 13.86 ? 10  ILE A HG12 1 
ATOM   121 H  HG13 . ILE A 1 10 ? -3.796 -3.298 6.017  1.00 13.32 ? 10  ILE A HG13 1 
ATOM   122 H  HG21 . ILE A 1 10 ? -1.166 -4.348 4.132  1.00 10.91 ? 10  ILE A HG21 1 
ATOM   123 H  HG22 . ILE A 1 10 ? -2.372 -4.777 5.070  1.00 10.73 ? 10  ILE A HG22 1 
ATOM   124 H  HG23 . ILE A 1 10 ? -0.986 -4.336 5.709  1.00 10.42 ? 10  ILE A HG23 1 
ATOM   125 H  HD11 . ILE A 1 10 ? -2.635 -2.978 7.791  1.00 16.20 ? 10  ILE A HD11 1 
ATOM   126 H  HD12 . ILE A 1 10 ? -3.805 -1.905 7.767  1.00 15.68 ? 10  ILE A HD12 1 
ATOM   127 H  HD13 . ILE A 1 10 ? -2.326 -1.473 7.390  1.00 15.32 ? 10  ILE A HD13 1 
ATOM   128 N  N    . PRO A 1 11 ? 1.299  -2.585 4.301  1.00 8.08  ? 11  PRO A N    1 
ATOM   129 C  CA   . PRO A 1 11 ? 2.259  -2.688 3.209  1.00 7.98  ? 11  PRO A CA   1 
ATOM   130 C  C    . PRO A 1 11 ? 1.742  -3.496 2.015  1.00 8.20  ? 11  PRO A C    1 
ATOM   131 O  O    . PRO A 1 11 ? 0.985  -4.461 2.159  1.00 9.28  ? 11  PRO A O    1 
ATOM   132 C  CB   . PRO A 1 11 ? 3.478  -3.360 3.834  1.00 9.87  ? 11  PRO A CB   1 
ATOM   133 C  CG   . PRO A 1 11 ? 3.328  -3.115 5.354  1.00 11.20 ? 11  PRO A CG   1 
ATOM   134 C  CD   . PRO A 1 11 ? 1.834  -3.125 5.561  1.00 9.90  ? 11  PRO A CD   1 
ATOM   135 H  HA   . PRO A 1 11 ? 2.509  -1.776 2.914  1.00 8.00  ? 11  PRO A HA   1 
ATOM   136 H  HB2  . PRO A 1 11 ? 3.488  -4.321 3.637  1.00 9.81  ? 11  PRO A HB2  1 
ATOM   137 H  HB3  . PRO A 1 11 ? 4.308  -2.959 3.498  1.00 9.57  ? 11  PRO A HB3  1 
ATOM   138 H  HG2  . PRO A 1 11 ? 3.759  -3.827 5.869  1.00 10.52 ? 11  PRO A HG2  1 
ATOM   139 H  HG3  . PRO A 1 11 ? 3.712  -2.253 5.612  1.00 10.82 ? 11  PRO A HG3  1 
ATOM   140 H  HD2  . PRO A 1 11 ? 1.507  -4.031 5.719  1.00 9.59  ? 11  PRO A HD2  1 
ATOM   141 H  HD3  . PRO A 1 11 ? 1.585  -2.563 6.317  1.00 9.54  ? 11  PRO A HD3  1 
HETATM 142 CA CA   . CA  B 2 .  ? -0.537 0.115  1.389  1.00 7.18  ? 101 CA  A CA   1 
HETATM 143 CA CA   . CA  C 2 .  ? 4.000  3.080  -1.790 1.00 8.21  ? 102 CA  A CA   1 
HETATM 144 C  C1   A RDZ D 3 .  ? 6.135  -7.094 -1.716 0.72 61.64 ? 103 RDZ A C1   1 
HETATM 145 C  C1   B RDZ D 3 .  ? 2.817  -5.740 -3.358 0.28 15.94 ? 103 RDZ A C1   1 
HETATM 146 C  C2   A RDZ D 3 .  ? 5.946  -7.129 -0.232 0.72 51.63 ? 103 RDZ A C2   1 
HETATM 147 C  C2   B RDZ D 3 .  ? 4.302  -5.646 -3.169 0.28 17.22 ? 103 RDZ A C2   1 
HETATM 148 C  C3   A RDZ D 3 .  ? 5.472  -6.106 0.459  0.72 50.85 ? 103 RDZ A C3   1 
HETATM 149 C  C3   B RDZ D 3 .  ? 4.923  -4.501 -2.934 0.28 16.50 ? 103 RDZ A C3   1 
HETATM 150 C  C4   A RDZ D 3 .  ? 5.936  -4.677 0.480  0.72 41.85 ? 103 RDZ A C4   1 
HETATM 151 C  C4   B RDZ D 3 .  ? 6.399  -4.238 -2.875 0.28 15.72 ? 103 RDZ A C4   1 
HETATM 152 C  C5   A RDZ D 3 .  ? 6.518  -4.119 -0.820 0.72 35.17 ? 103 RDZ A C5   1 
HETATM 153 C  C5   B RDZ D 3 .  ? 6.927  -3.667 -1.582 0.28 13.49 ? 103 RDZ A C5   1 
HETATM 154 C  C6   A RDZ D 3 .  ? 6.280  -2.647 -1.033 0.72 24.65 ? 103 RDZ A C6   1 
HETATM 155 C  C6   B RDZ D 3 .  ? 6.558  -2.229 -1.361 0.28 9.41  ? 103 RDZ A C6   1 
HETATM 156 C  C7   A RDZ D 3 .  ? 5.837  -1.884 -0.045 0.72 20.22 ? 103 RDZ A C7   1 
HETATM 157 C  C7   B RDZ D 3 .  ? 5.991  -1.839 -0.225 0.28 9.51  ? 103 RDZ A C7   1 
HETATM 158 C  C8   A RDZ D 3 .  ? 5.264  -0.521 -0.149 0.72 12.28 ? 103 RDZ A C8   1 
HETATM 159 C  C8   B RDZ D 3 .  ? 5.360  -0.506 0.032  0.28 9.36  ? 103 RDZ A C8   1 
HETATM 160 O  O1   A RDZ D 3 .  ? 3.848  -0.614 0.109  0.72 8.65  ? 103 RDZ A O1   1 
HETATM 161 O  O1   B RDZ D 3 .  ? 3.990  -0.686 0.441  0.28 10.97 ? 103 RDZ A O1   1 
HETATM 162 P  P1   A RDZ D 3 .  ? 3.029  0.635  0.772  0.72 7.04  ? 103 RDZ A P1   1 
HETATM 163 P  P1   B RDZ D 3 .  ? 3.055  0.589  0.792  0.28 10.76 ? 103 RDZ A P1   1 
HETATM 164 O  O2   A RDZ D 3 .  ? 3.135  1.868  -0.054 0.72 7.83  ? 103 RDZ A O2   1 
HETATM 165 O  O2   B RDZ D 3 .  ? 3.381  1.674  -0.190 0.28 9.36  ? 103 RDZ A O2   1 
HETATM 166 O  O3   A RDZ D 3 .  ? 1.658  0.067  0.838  0.72 7.51  ? 103 RDZ A O3   1 
HETATM 167 O  O3   B RDZ D 3 .  ? 1.646  0.080  0.701  0.28 11.23 ? 103 RDZ A O3   1 
HETATM 168 O  O4   A RDZ D 3 .  ? 3.650  0.896  2.153  0.72 7.64  ? 103 RDZ A O4   1 
HETATM 169 O  O4   B RDZ D 3 .  ? 3.429  1.012  2.209  0.28 11.71 ? 103 RDZ A O4   1 
HETATM 170 C  C9   A RDZ D 3 .  ? 6.597  -2.125 -2.406 0.72 26.50 ? 103 RDZ A C9   1 
HETATM 171 C  C9   B RDZ D 3 .  ? 6.876  -1.302 -2.504 0.28 9.20  ? 103 RDZ A C9   1 
HETATM 172 C  C10  A RDZ D 3 .  ? 6.352  -8.415 0.407  0.72 52.83 ? 103 RDZ A C10  1 
HETATM 173 C  C10  B RDZ D 3 .  ? 5.028  -6.956 -3.266 0.28 17.99 ? 103 RDZ A C10  1 
HETATM 174 H  H2   A RDZ D 3 .  ? 6.230  -7.998 -2.054 0.72 60.00 ? 103 RDZ A H2   1 
HETATM 175 H  H2   B RDZ D 3 .  ? 2.400  -6.019 -2.527 0.28 16.01 ? 103 RDZ A H2   1 
HETATM 176 H  H3   A RDZ D 3 .  ? 6.933  -6.587 -1.934 0.72 58.36 ? 103 RDZ A H3   1 
HETATM 177 H  H3   B RDZ D 3 .  ? 2.617  -6.389 -4.052 0.28 16.05 ? 103 RDZ A H3   1 
HETATM 178 H  H1   A RDZ D 3 .  ? 5.365  -6.675 -2.133 0.72 59.14 ? 103 RDZ A H1   1 
HETATM 179 H  H1   B RDZ D 3 .  ? 2.465  -4.873 -3.618 0.28 16.13 ? 103 RDZ A H1   1 
HETATM 180 H  H4   A RDZ D 3 .  ? 4.714  -6.289 0.989  0.72 50.34 ? 103 RDZ A H4   1 
HETATM 181 H  H4   B RDZ D 3 .  ? 4.369  -3.750 -2.784 0.28 16.31 ? 103 RDZ A H4   1 
HETATM 182 H  H5   A RDZ D 3 .  ? 6.616  -4.581 1.175  0.72 41.03 ? 103 RDZ A H5   1 
HETATM 183 H  H5   B RDZ D 3 .  ? 6.634  -3.629 -3.602 0.28 15.01 ? 103 RDZ A H5   1 
HETATM 184 H  H6   A RDZ D 3 .  ? 5.175  -4.121 0.741  0.72 39.77 ? 103 RDZ A H6   1 
HETATM 185 H  H6   B RDZ D 3 .  ? 6.857  -5.071 -3.041 0.28 15.06 ? 103 RDZ A H6   1 
HETATM 186 H  H7   A RDZ D 3 .  ? 6.127  -4.603 -1.572 0.72 34.23 ? 103 RDZ A H7   1 
HETATM 187 H  H7   B RDZ D 3 .  ? 7.903  -3.746 -1.577 0.28 12.77 ? 103 RDZ A H7   1 
HETATM 188 H  H8   A RDZ D 3 .  ? 7.481  -4.285 -0.827 0.72 33.55 ? 103 RDZ A H8   1 
HETATM 189 H  H8   B RDZ D 3 .  ? 6.583  -4.201 -0.837 0.28 12.71 ? 103 RDZ A H8   1 
HETATM 190 H  H9   A RDZ D 3 .  ? 5.897  -2.235 0.826  0.72 15.67 ? 103 RDZ A H9   1 
HETATM 191 H  H9   B RDZ D 3 .  ? 5.987  -2.458 0.489  0.28 9.23  ? 103 RDZ A H9   1 
HETATM 192 H  H10  A RDZ D 3 .  ? 5.426  -0.152 -1.045 0.72 12.11 ? 103 RDZ A H10  1 
HETATM 193 H  H10  B RDZ D 3 .  ? 5.387  0.039  -0.784 0.28 9.59  ? 103 RDZ A H10  1 
HETATM 194 H  H11  A RDZ D 3 .  ? 5.692  0.071  0.507  0.72 12.06 ? 103 RDZ A H11  1 
HETATM 195 H  H11  B RDZ D 3 .  ? 5.862  -0.028 0.728  0.28 9.86  ? 103 RDZ A H11  1 
HETATM 196 H  H13  A RDZ D 3 .  ? 6.721  -2.869 -3.017 0.72 26.27 ? 103 RDZ A H13  1 
HETATM 197 H  H13  B RDZ D 3 .  ? 6.119  -1.260 -3.109 0.28 9.31  ? 103 RDZ A H13  1 
HETATM 198 H  H14  A RDZ D 3 .  ? 7.411  -1.596 -2.374 0.72 26.30 ? 103 RDZ A H14  1 
HETATM 199 H  H14  B RDZ D 3 .  ? 7.653  -1.632 -2.983 0.28 9.18  ? 103 RDZ A H14  1 
HETATM 200 H  H12  A RDZ D 3 .  ? 5.865  -1.572 -2.722 0.72 24.93 ? 103 RDZ A H12  1 
HETATM 201 H  H12  B RDZ D 3 .  ? 7.065  -0.414 -2.162 0.28 9.24  ? 103 RDZ A H12  1 
HETATM 202 H  H16  A RDZ D 3 .  ? 6.060  -9.158 -0.140 0.72 53.62 ? 103 RDZ A H16  1 
HETATM 203 H  H16  B RDZ D 3 .  ? 4.394  -7.687 -3.184 0.28 17.70 ? 103 RDZ A H16  1 
HETATM 204 H  H17  A RDZ D 3 .  ? 5.945  -8.488 1.284  0.72 52.76 ? 103 RDZ A H17  1 
HETATM 205 H  H17  B RDZ D 3 .  ? 5.684  -7.018 -2.553 0.28 17.57 ? 103 RDZ A H17  1 
HETATM 206 H  H15  A RDZ D 3 .  ? 7.315  -8.445 0.489  0.72 51.23 ? 103 RDZ A H15  1 
HETATM 207 H  H15  B RDZ D 3 .  ? 5.478  -7.015 -4.124 0.28 18.02 ? 103 RDZ A H15  1 
HETATM 208 C  C    . 9GE E 4 .  ? 4.261  0.694  -4.089 1.00 9.78  ? 104 9GE A C    1 
HETATM 209 O  O    . 9GE E 4 .  ? 4.652  1.217  -3.033 1.00 9.82  ? 104 9GE A O    1 
HETATM 210 C  CA   A 9GE E 4 .  ? 4.873  0.973  -5.308 0.40 12.53 ? 104 9GE A CA   1 
HETATM 211 C  CA   B 9GE E 4 .  ? 5.166  0.447  -5.185 0.60 9.64  ? 104 9GE A CA   1 
HETATM 212 C  C04  A 9GE E 4 .  ? 6.176  0.907  -5.461 0.40 16.11 ? 104 9GE A C04  1 
HETATM 213 C  C04  B 9GE E 4 .  ? 6.300  1.173  -5.306 0.60 11.99 ? 104 9GE A C04  1 
HETATM 214 C  C05  A 9GE E 4 .  ? 6.937  1.277  -6.693 0.40 17.33 ? 104 9GE A C05  1 
HETATM 215 C  C05  B 9GE E 4 .  ? 7.354  0.972  -6.357 0.60 13.13 ? 104 9GE A C05  1 
HETATM 216 C  C06  A 9GE E 4 .  ? 8.408  1.170  -6.502 0.40 16.77 ? 104 9GE A C06  1 
HETATM 217 C  C06  B 9GE E 4 .  ? 8.728  0.890  -5.831 0.60 16.82 ? 104 9GE A C06  1 
HETATM 218 H  H1   A 9GE E 4 .  ? 4.317  1.215  -6.030 0.40 12.46 ? 104 9GE A H1   1 
HETATM 219 H  H1   B 9GE E 4 .  ? 4.943  -0.229 -5.803 0.60 10.02 ? 104 9GE A H1   1 
HETATM 220 H  H2   A 9GE E 4 .  ? 6.676  0.615  -4.719 0.40 15.74 ? 104 9GE A H2   1 
HETATM 221 H  H2   B 9GE E 4 .  ? 6.452  1.861  -4.681 0.60 11.45 ? 104 9GE A H2   1 
HETATM 222 H  H3   A 9GE E 4 .  ? 6.714  2.201  -6.944 0.40 16.98 ? 104 9GE A H3   1 
HETATM 223 H  H3   B 9GE E 4 .  ? 7.306  1.716  -6.997 0.60 13.56 ? 104 9GE A H3   1 
HETATM 224 H  H4   A 9GE E 4 .  ? 6.666  0.686  -7.430 0.40 17.05 ? 104 9GE A H4   1 
HETATM 225 H  H4   B 9GE E 4 .  ? 7.155  0.142  -6.847 0.60 13.37 ? 104 9GE A H4   1 
HETATM 226 C  C1   A 9GE E 4 .  ? 8.846  -0.059 -5.716 0.40 15.69 ? 104 9GE A C1   1 
HETATM 227 H  H5   A 9GE E 4 .  ? 8.725  1.971  -6.033 0.40 16.74 ? 104 9GE A H5   1 
HETATM 228 C  C1   B 9GE E 4 .  ? 9.091  -0.477 -5.298 0.60 18.32 ? 104 9GE A C1   1 
HETATM 229 H  H5   B 9GE E 4 .  ? 8.832  1.548  -5.112 0.60 16.38 ? 104 9GE A H5   1 
HETATM 230 C  C2   A 9GE E 4 .  ? 10.327 -0.338 -5.768 0.40 16.51 ? 104 9GE A C2   1 
HETATM 231 H  H6   A 9GE E 4 .  ? 8.841  1.150  -7.381 0.40 16.49 ? 104 9GE A H6   1 
HETATM 232 C  C2   B 9GE E 4 .  ? 10.539 -0.600 -4.853 0.60 21.79 ? 104 9GE A C2   1 
HETATM 233 H  H6   B 9GE E 4 .  ? 9.356  1.128  -6.546 0.60 16.19 ? 104 9GE A H6   1 
HETATM 234 C  C3   A 9GE E 4 .  ? 10.766 -1.423 -4.797 0.40 19.97 ? 104 9GE A C3   1 
HETATM 235 C  C3   B 9GE E 4 .  ? 11.479 -1.047 -5.941 0.60 22.01 ? 104 9GE A C3   1 
HETATM 236 C  C4   A 9GE E 4 .  ? 12.139 -1.981 -5.068 0.40 26.42 ? 104 9GE A C4   1 
HETATM 237 C  C4   B 9GE E 4 .  ? 12.935 -1.043 -5.582 0.60 23.40 ? 104 9GE A C4   1 
HETATM 238 C  C5   A 9GE E 4 .  ? 12.843 -2.595 -3.875 0.40 31.79 ? 104 9GE A C5   1 
HETATM 239 C  C5   B 9GE E 4 .  ? 13.375 -1.947 -4.471 0.60 23.44 ? 104 9GE A C5   1 
HETATM 240 C  C6   A 9GE E 4 .  ? 14.325 -2.297 -3.813 0.40 37.11 ? 104 9GE A C6   1 
HETATM 241 C  C6   B 9GE E 4 .  ? 14.885 -2.017 -4.286 0.60 19.44 ? 104 9GE A C6   1 
HETATM 242 C  C7   A 9GE E 4 .  ? 15.185 -3.346 -3.146 0.40 39.57 ? 104 9GE A C7   1 
HETATM 243 C  C7   B 9GE E 4 .  ? 15.257 -2.944 -3.171 0.60 17.83 ? 104 9GE A C7   1 
HETATM 244 C  C8   A 9GE E 4 .  ? 16.593 -2.892 -2.708 0.40 37.30 ? 104 9GE A C8   1 
HETATM 245 C  C8   B 9GE E 4 .  ? 16.661 -2.854 -2.615 0.60 17.51 ? 104 9GE A C8   1 
HETATM 246 C  C9   A 9GE E 4 .  ? 17.171 -1.837 -3.636 0.40 30.99 ? 104 9GE A C9   1 
HETATM 247 C  C9   B 9GE E 4 .  ? 16.830 -3.788 -1.436 0.60 15.92 ? 104 9GE A C9   1 
HETATM 248 C  C10  A 9GE E 4 .  ? 17.548 -4.069 -2.603 0.40 38.96 ? 104 9GE A C10  1 
HETATM 249 C  C10  B 9GE E 4 .  ? 17.707 -3.121 -3.657 0.60 18.18 ? 104 9GE A C10  1 
HETATM 250 H  H7   A 9GE E 4 .  ? 8.365  -0.841 -6.063 0.40 16.01 ? 104 9GE A H7   1 
HETATM 251 H  H7   B 9GE E 4 .  ? 8.918  -1.144 -5.997 0.60 18.09 ? 104 9GE A H7   1 
HETATM 252 H  H9   A 9GE E 4 .  ? 8.589  0.058  -4.778 0.40 16.00 ? 104 9GE A H9   1 
HETATM 253 H  H9   B 9GE E 4 .  ? 8.508  -0.683 -4.537 0.60 18.17 ? 104 9GE A H9   1 
HETATM 254 H  H10  A 9GE E 4 .  ? 10.813 0.488  -5.561 0.40 16.30 ? 104 9GE A H10  1 
HETATM 255 H  H10  B 9GE E 4 .  ? 10.840 0.270  -4.513 0.60 20.61 ? 104 9GE A H10  1 
HETATM 256 H  H11  A 9GE E 4 .  ? 10.569 -0.610 -6.679 0.40 17.00 ? 104 9GE A H11  1 
HETATM 257 H  H11  B 9GE E 4 .  ? 10.587 -1.241 -4.114 0.60 21.35 ? 104 9GE A H11  1 
HETATM 258 H  H12  A 9GE E 4 .  ? 10.117 -2.156 -4.835 0.40 20.48 ? 104 9GE A H12  1 
HETATM 259 H  H12  B 9GE E 4 .  ? 11.229 -1.955 -6.211 0.60 22.23 ? 104 9GE A H12  1 
HETATM 260 H  H13  A 9GE E 4 .  ? 10.748 -1.054 -3.889 0.40 19.53 ? 104 9GE A H13  1 
HETATM 261 H  H13  B 9GE E 4 .  ? 11.351 -0.464 -6.719 0.60 22.09 ? 104 9GE A H13  1 
HETATM 262 H  H14  A 9GE E 4 .  ? 12.699 -1.258 -5.424 0.40 26.08 ? 104 9GE A H14  1 
HETATM 263 H  H14  B 9GE E 4 .  ? 13.203 -0.125 -5.364 0.60 22.90 ? 104 9GE A H14  1 
HETATM 264 H  H15  A 9GE E 4 .  ? 12.062 -2.664 -5.767 0.40 25.70 ? 104 9GE A H15  1 
HETATM 265 H  H15  B 9GE E 4 .  ? 13.427 -1.311 -6.373 0.60 22.67 ? 104 9GE A H15  1 
HETATM 266 H  H16  A 9GE E 4 .  ? 12.717 -3.566 -3.901 0.40 31.12 ? 104 9GE A H16  1 
HETATM 267 H  H16  B 9GE E 4 .  ? 13.036 -2.851 -4.647 0.60 22.87 ? 104 9GE A H16  1 
HETATM 268 H  H17  A 9GE E 4 .  ? 12.428 -2.259 -3.057 0.40 30.58 ? 104 9GE A H17  1 
HETATM 269 H  H17  B 9GE E 4 .  ? 12.969 -1.637 -3.633 0.60 22.93 ? 104 9GE A H17  1 
HETATM 270 H  H18  A 9GE E 4 .  ? 14.650 -2.168 -4.730 0.40 36.78 ? 104 9GE A H18  1 
HETATM 271 H  H18  B 9GE E 4 .  ? 15.229 -1.120 -4.090 0.60 19.30 ? 104 9GE A H18  1 
HETATM 272 H  H19  A 9GE E 4 .  ? 14.447 -1.448 -3.338 0.40 36.15 ? 104 9GE A H19  1 
HETATM 273 H  H19  B 9GE E 4 .  ? 15.298 -2.330 -5.119 0.60 18.84 ? 104 9GE A H19  1 
HETATM 274 H  H20  A 9GE E 4 .  ? 15.285 -4.098 -3.765 0.40 38.78 ? 104 9GE A H20  1 
HETATM 275 H  H20  B 9GE E 4 .  ? 15.117 -3.863 -3.483 0.60 17.91 ? 104 9GE A H20  1 
HETATM 276 H  H21  A 9GE E 4 .  ? 14.709 -3.677 -2.354 0.40 38.76 ? 104 9GE A H21  1 
HETATM 277 H  H21  B 9GE E 4 .  ? 14.631 -2.793 -2.431 0.60 18.08 ? 104 9GE A H21  1 
HETATM 278 H  H22  A 9GE E 4 .  ? 16.510 -2.491 -1.808 0.40 36.75 ? 104 9GE A H22  1 
HETATM 279 H  H22  B 9GE E 4 .  ? 16.793 -1.929 -2.288 0.60 17.34 ? 104 9GE A H22  1 
HETATM 280 H  H23  A 9GE E 4 .  ? 18.137 -1.828 -3.549 0.40 31.27 ? 104 9GE A H23  1 
HETATM 281 H  H23  B 9GE E 4 .  ? 16.827 -4.709 -1.747 0.60 16.32 ? 104 9GE A H23  1 
HETATM 282 H  H24  A 9GE E 4 .  ? 16.815 -0.964 -3.398 0.40 32.10 ? 104 9GE A H24  1 
HETATM 283 H  H24  B 9GE E 4 .  ? 16.099 -3.655 -0.807 0.60 16.06 ? 104 9GE A H24  1 
HETATM 284 H  H25  A 9GE E 4 .  ? 16.934 -2.046 -4.557 0.40 31.59 ? 104 9GE A H25  1 
HETATM 285 H  H25  B 9GE E 4 .  ? 17.676 -3.599 -0.992 0.60 16.08 ? 104 9GE A H25  1 
HETATM 286 H  H26  A 9GE E 4 .  ? 17.754 -4.400 -3.494 0.40 38.90 ? 104 9GE A H26  1 
HETATM 287 H  H26  B 9GE E 4 .  ? 18.578 -3.195 -3.232 0.60 18.04 ? 104 9GE A H26  1 
HETATM 288 H  H27  A 9GE E 4 .  ? 17.135 -4.780 -2.082 0.40 38.87 ? 104 9GE A H27  1 
HETATM 289 H  H27  B 9GE E 4 .  ? 17.721 -2.391 -4.299 0.60 18.22 ? 104 9GE A H27  1 
HETATM 290 H  H28  A 9GE E 4 .  ? 18.369 -3.783 -2.166 0.40 38.58 ? 104 9GE A H28  1 
HETATM 291 H  H28  B 9GE E 4 .  ? 17.500 -3.953 -4.117 0.60 18.02 ? 104 9GE A H28  1 
HETATM 292 O  O    . HOH F 5 .  ? -1.349 5.035  -4.383 0.64 33.25 ? 201 HOH A O    1 
HETATM 293 O  O    . HOH F 5 .  ? -5.656 1.189  5.263  0.77 26.65 ? 202 HOH A O    1 
HETATM 294 O  O    . HOH F 5 .  ? -1.999 1.630  -5.135 0.90 17.25 ? 203 HOH A O    1 
HETATM 295 O  O    . HOH F 5 .  ? -9.113 -1.513 -4.867 0.84 20.00 ? 204 HOH A O    1 
HETATM 296 O  O    . HOH F 5 .  ? -5.919 -0.029 -4.024 0.84 25.87 ? 205 HOH A O    1 
HETATM 297 O  O    . HOH F 5 .  ? -0.395 3.744  10.178 0.52 26.35 ? 206 HOH A O    1 
HETATM 298 O  O    A HOH F 5 .  ? -0.347 7.101  3.308  0.53 29.97 ? 207 HOH A O    1 
HETATM 299 O  O    . HOH F 5 .  ? -2.964 3.273  9.954  0.90 16.95 ? 208 HOH A O    1 
HETATM 300 O  O    . HOH F 5 .  ? -3.149 -0.077 -3.356 1.00 14.16 ? 209 HOH A O    1 
HETATM 301 O  O    . HOH F 5 .  ? -1.895 -2.472 -3.150 1.00 13.25 ? 210 HOH A O    1 
HETATM 302 O  O    . HOH F 5 .  ? 2.064  -0.721 -6.841 1.00 27.13 ? 211 HOH A O    1 
HETATM 303 O  O    . HOH F 5 .  ? 5.963  3.158  -0.420 1.00 8.53  ? 212 HOH A O    1 
HETATM 304 O  O    . HOH F 5 .  ? -2.253 6.249  -2.249 0.78 20.20 ? 213 HOH A O    1 
HETATM 305 O  O    . HOH F 5 .  ? 1.577  4.600  9.708  0.91 48.86 ? 214 HOH A O    1 
HETATM 306 O  O    . HOH F 5 .  ? -0.016 5.855  8.545  0.73 36.04 ? 215 HOH A O    1 
HETATM 307 O  O    . HOH F 5 .  ? 2.192  2.357  -7.234 1.00 60.11 ? 216 HOH A O    1 
HETATM 308 O  O    . HOH F 5 .  ? -0.750 -0.628 -6.816 0.66 37.14 ? 217 HOH A O    1 
HETATM 309 O  O    . HOH F 5 .  ? -2.360 5.882  7.190  0.61 18.21 ? 218 HOH A O    1 
HETATM 310 O  O    A HOH F 5 .  ? -4.415 1.987  7.932  0.80 28.94 ? 219 HOH A O    1 
# 
loop_
_atom_site_anisotrop.id 
_atom_site_anisotrop.type_symbol 
_atom_site_anisotrop.pdbx_label_atom_id 
_atom_site_anisotrop.pdbx_label_alt_id 
_atom_site_anisotrop.pdbx_label_comp_id 
_atom_site_anisotrop.pdbx_label_asym_id 
_atom_site_anisotrop.pdbx_label_seq_id 
_atom_site_anisotrop.pdbx_PDB_ins_code 
_atom_site_anisotrop.U[1][1] 
_atom_site_anisotrop.U[2][2] 
_atom_site_anisotrop.U[3][3] 
_atom_site_anisotrop.U[1][2] 
_atom_site_anisotrop.U[1][3] 
_atom_site_anisotrop.U[2][3] 
_atom_site_anisotrop.pdbx_auth_seq_id 
_atom_site_anisotrop.pdbx_auth_comp_id 
_atom_site_anisotrop.pdbx_auth_asym_id 
_atom_site_anisotrop.pdbx_auth_atom_id 
1   N  N    . ASP A 1  ? 0.1148 0.2009 0.0378 -0.0974 -0.0009 0.0207  1   ASP A N    
2   C  CA   . ASP A 1  ? 0.1060 0.1878 0.0499 -0.0950 0.0016  0.0315  1   ASP A CA   
3   C  C    . ASP A 1  ? 0.1193 0.1950 0.0521 -0.0980 -0.0032 0.0237  1   ASP A C    
4   O  O    . ASP A 1  ? 0.2136 0.2063 0.0626 -0.1093 0.0228  0.0040  1   ASP A O    
5   C  CB   . ASP A 1  ? 0.0993 0.1917 0.0562 -0.0915 -0.0155 0.0210  1   ASP A CB   
6   C  CG   . ASP A 1  ? 0.1204 0.1859 0.0746 -0.0890 -0.0364 0.0334  1   ASP A CG   
7   O  OD1  . ASP A 1  ? 0.0979 0.1760 0.0733 -0.0874 -0.0159 0.0352  1   ASP A OD1  
8   O  OD2  . ASP A 1  ? 0.1573 0.2143 0.1246 -0.0916 -0.0722 0.0391  1   ASP A OD2  
9   H  H1   . ASP A 1  ? 0.1113 0.1973 0.0393 -0.0967 0.0024  0.0178  1   ASP A H1   
10  H  HA   . ASP A 1  ? 0.1073 0.1926 0.0539 -0.0941 -0.0013 0.0282  1   ASP A HA   
11  H  HB2  . ASP A 1  ? 0.1048 0.1891 0.0549 -0.0928 -0.0175 0.0244  1   ASP A HB2  
12  H  HB3  . ASP A 1  ? 0.1049 0.1897 0.0565 -0.0922 -0.0146 0.0261  1   ASP A HB3  
13  N  N    . DNP A 2  ? 0.0870 0.1756 0.0539 -0.0929 -0.0039 0.0224  2   DNP A N    
14  C  CA   . DNP A 2  ? 0.0807 0.1637 0.0600 -0.0849 -0.0051 0.0137  2   DNP A CA   
15  C  CB   . DNP A 2  ? 0.0971 0.1760 0.0585 -0.0740 -0.0015 0.0154  2   DNP A CB   
16  N  NG   . DNP A 2  ? 0.0921 0.1650 0.0537 -0.0776 -0.0151 0.0301  2   DNP A NG   
17  C  C    . DNP A 2  ? 0.0789 0.1547 0.0469 -0.0772 -0.0063 0.0270  2   DNP A C    
18  O  O    . DNP A 2  ? 0.0728 0.1597 0.0544 -0.0779 -0.0141 0.0248  2   DNP A O    
19  H  H    . DNP A 2  ? 0.0914 0.1774 0.0540 -0.0926 -0.0045 0.0214  2   DNP A H    
20  H  HA   . DNP A 2  ? 0.0867 0.1663 0.0548 -0.0839 -0.0052 0.0169  2   DNP A HA   
21  H  HB2  . DNP A 2  ? 0.0911 0.1713 0.0576 -0.0770 -0.0053 0.0183  2   DNP A HB2  
22  H  HB3  . DNP A 2  ? 0.0935 0.1767 0.0590 -0.0754 -0.0070 0.0174  2   DNP A HB3  
23  H  HG1  . DNP A 2  ? 0.0934 0.1644 0.0569 -0.0776 -0.0123 0.0289  2   DNP A HG1  
24  N  N    . CPI A 3  ? 0.0919 0.1632 0.0617 -0.0892 -0.0109 0.0262  3   CPI A N    
25  C  CE   . CPI A 3  ? 0.1031 0.1775 0.0700 -0.0870 -0.0209 0.0144  3   CPI A CE   
26  C  CD   . CPI A 3  ? 0.1112 0.1781 0.1462 -0.1067 -0.0288 0.0341  3   CPI A CD   
27  C  CG   . CPI A 3  ? 0.1105 0.1903 0.1426 -0.1127 -0.0304 0.0773  3   CPI A CG   
28  C  CB   . CPI A 3  ? 0.0992 0.2075 0.1003 -0.1025 -0.0142 0.0655  3   CPI A CB   
29  C  CA   . CPI A 3  ? 0.0883 0.1906 0.0530 -0.0982 -0.0162 0.0362  3   CPI A CA   
30  C  C    . CPI A 3  ? 0.0892 0.1812 0.0633 -0.1114 -0.0210 0.0403  3   CPI A C    
31  O  O    . CPI A 3  ? 0.0843 0.2443 0.0737 -0.1096 -0.0212 0.0560  3   CPI A O    
32  H  HE2  . CPI A 3  ? 0.0990 0.1724 0.0777 -0.0907 -0.0215 0.0215  3   CPI A HE2  
33  H  HE3  . CPI A 3  ? 0.1017 0.1716 0.0773 -0.0893 -0.0198 0.0212  3   CPI A HE3  
34  H  HD2  . CPI A 3  ? 0.1094 0.1812 0.1233 -0.1017 -0.0260 0.0397  3   CPI A HD2  
35  H  HD3  . CPI A 3  ? 0.1132 0.1797 0.1237 -0.1019 -0.0240 0.0385  3   CPI A HD3  
36  H  HG2  . CPI A 3  ? 0.1091 0.1905 0.1300 -0.1084 -0.0250 0.0650  3   CPI A HG2  
37  H  HG3  . CPI A 3  ? 0.1081 0.1864 0.1284 -0.1079 -0.0262 0.0685  3   CPI A HG3  
38  H  HB2  . CPI A 3  ? 0.1035 0.1978 0.0947 -0.1036 -0.0154 0.0595  3   CPI A HB2  
39  H  HB3  . CPI A 3  ? 0.0984 0.1985 0.0927 -0.1035 -0.0175 0.0595  3   CPI A HB3  
40  H  HA   . CPI A 3  ? 0.0897 0.1824 0.0623 -0.0984 -0.0156 0.0379  3   CPI A HA   
41  N  N    . ASP A 4  ? 0.0797 0.1870 0.0576 -0.0908 -0.0207 0.0364  4   ASP A N    
42  C  CA   . ASP A 4  ? 0.0731 0.1787 0.0672 -0.0964 -0.0281 0.0297  4   ASP A CA   
43  C  C    . ASP A 4  ? 0.0811 0.1900 0.0776 -0.0950 -0.0102 0.0277  4   ASP A C    
44  O  O    . ASP A 4  ? 0.0816 0.2200 0.1667 -0.0833 -0.0214 -0.0172 4   ASP A O    
45  C  CB   . ASP A 4  ? 0.0891 0.1920 0.0802 -0.1061 -0.0297 0.0115  4   ASP A CB   
46  C  CG   . ASP A 4  ? 0.1010 0.2241 0.0785 -0.1080 -0.0258 0.0382  4   ASP A CG   
47  O  OD1  . ASP A 4  ? 0.1492 0.2619 0.0933 -0.1245 -0.0392 0.0626  4   ASP A OD1  
48  O  OD2  . ASP A 4  ? 0.0982 0.2330 0.0971 -0.1120 -0.0288 0.0267  4   ASP A OD2  
49  H  H    . ASP A 4  ? 0.0797 0.1823 0.0603 -0.0961 -0.0209 0.0350  4   ASP A H    
50  H  HA   . ASP A 4  ? 0.0802 0.1866 0.0679 -0.0978 -0.0234 0.0290  4   ASP A HA   
51  H  HB2  . ASP A 4  ? 0.0867 0.1927 0.0767 -0.1022 -0.0283 0.0207  4   ASP A HB2  
52  H  HB3  . ASP A 4  ? 0.0884 0.1957 0.0822 -0.1027 -0.0310 0.0207  4   ASP A HB3  
53  N  N    . ASP A 5  ? 0.0642 0.1757 0.0665 -0.0819 -0.0090 0.0336  5   ASP A N    
54  C  CA   . ASP A 5  ? 0.0857 0.1715 0.0745 -0.0741 -0.0128 0.0205  5   ASP A CA   
55  C  C    . ASP A 5  ? 0.0869 0.1841 0.0674 -0.0816 -0.0132 0.0216  5   ASP A C    
56  O  O    . ASP A 5  ? 0.1046 0.1925 0.1061 -0.0716 -0.0238 0.0050  5   ASP A O    
57  C  CB   . ASP A 5  ? 0.0817 0.1774 0.0784 -0.0845 -0.0156 0.0224  5   ASP A CB   
58  C  CG   . ASP A 5  ? 0.0873 0.1862 0.0573 -0.0874 -0.0157 0.0220  5   ASP A CG   
59  O  OD1  . ASP A 5  ? 0.0814 0.1882 0.0647 -0.0776 -0.0025 0.0312  5   ASP A OD1  
60  O  OD2  . ASP A 5  ? 0.0951 0.2293 0.0574 -0.0829 -0.0303 0.0179  5   ASP A OD2  
61  H  H    . ASP A 5  ? 0.0655 0.1770 0.0701 -0.0811 -0.0118 0.0298  5   ASP A H    
62  H  HA   . ASP A 5  ? 0.0827 0.1767 0.0735 -0.0800 -0.0121 0.0232  5   ASP A HA   
63  H  HB2  . ASP A 5  ? 0.0846 0.1790 0.0733 -0.0833 -0.0153 0.0222  5   ASP A HB2  
64  H  HB3  . ASP A 5  ? 0.0834 0.1767 0.0725 -0.0837 -0.0147 0.0223  5   ASP A HB3  
65  N  N    . GLY A 6  ? 0.0829 0.1786 0.0678 -0.0823 -0.0226 0.0291  6   GLY A N    
66  C  CA   . GLY A 6  ? 0.0847 0.1706 0.0940 -0.0736 -0.0345 0.0474  6   GLY A CA   
67  C  C    . GLY A 6  ? 0.0652 0.1706 0.0649 -0.0745 -0.0077 0.0324  6   GLY A C    
68  O  O    . GLY A 6  ? 0.0802 0.1656 0.0584 -0.0744 -0.0253 0.0357  6   GLY A O    
69  H  H    . GLY A 6  ? 0.0831 0.1758 0.0727 -0.0802 -0.0222 0.0299  6   GLY A H    
70  H  HA2  . GLY A 6  ? 0.0803 0.1736 0.0968 -0.0766 -0.0280 0.0412  6   GLY A HA2  
71  H  HA3  . GLY A 6  ? 0.0798 0.1729 0.0836 -0.0758 -0.0252 0.0389  6   GLY A HA3  
72  N  N    . ASP A 7  ? 0.0819 0.1794 0.0866 -0.0811 -0.0425 0.0612  7   ASP A N    
73  C  CA   . ASP A 7  ? 0.0657 0.1726 0.0737 -0.0697 -0.0217 0.0496  7   ASP A CA   
74  C  C    . ASP A 7  ? 0.0858 0.1423 0.0780 -0.0627 -0.0045 0.0425  7   ASP A C    
75  O  O    . ASP A 7  ? 0.0969 0.1814 0.1118 -0.0430 0.0093  0.0298  7   ASP A O    
76  C  CB   . ASP A 7  ? 0.0893 0.1731 0.0849 -0.0596 -0.0181 0.0589  7   ASP A CB   
77  C  CG   . ASP A 7  ? 0.0860 0.1546 0.0797 -0.0565 -0.0043 0.0491  7   ASP A CG   
78  O  OD1  . ASP A 7  ? 0.0722 0.1658 0.0979 -0.0596 -0.0122 0.0311  7   ASP A OD1  
79  O  OD2  . ASP A 7  ? 0.1201 0.1593 0.2412 -0.0782 -0.0004 0.0283  7   ASP A OD2  
80  H  H    . ASP A 7  ? 0.0735 0.1727 0.0776 -0.0744 -0.0282 0.0514  7   ASP A H    
81  H  HA   . ASP A 7  ? 0.0767 0.1670 0.0774 -0.0685 -0.0197 0.0500  7   ASP A HA   
82  H  HB2  . ASP A 7  ? 0.0825 0.1691 0.0834 -0.0625 -0.0159 0.0542  7   ASP A HB2  
83  H  HB3  . ASP A 7  ? 0.0846 0.1710 0.0851 -0.0643 -0.0168 0.0554  7   ASP A HB3  
84  N  N    . GLY A 8  ? 0.0744 0.1630 0.0612 -0.0729 0.0015  0.0416  8   GLY A N    
85  C  CA   . GLY A 8  ? 0.0987 0.1568 0.0582 -0.0847 -0.0104 0.0332  8   GLY A CA   
86  C  C    . GLY A 8  ? 0.0865 0.1698 0.0437 -0.0820 -0.0103 0.0279  8   GLY A C    
87  O  O    . GLY A 8  ? 0.0898 0.1717 0.0452 -0.0971 -0.0053 0.0267  8   GLY A O    
88  H  H    . GLY A 8  ? 0.0767 0.1588 0.0607 -0.0728 -0.0001 0.0389  8   GLY A H    
89  H  HA2  . GLY A 8  ? 0.0948 0.1639 0.0550 -0.0837 -0.0064 0.0332  8   GLY A HA2  
90  H  HA3  . GLY A 8  ? 0.0907 0.1592 0.0558 -0.0805 -0.0069 0.0326  8   GLY A HA3  
91  C  C    . 2RA A 9  ? 0.0798 0.1772 0.0349 -0.0827 -0.0120 0.0248  9   2RA A C    
92  N  N    . 2RA A 9  ? 0.0912 0.1684 0.0483 -0.0835 0.0014  0.0292  9   2RA A N    
93  O  O    . 2RA A 9  ? 0.0761 0.1830 0.0411 -0.0866 -0.0187 0.0349  9   2RA A O    
94  C  CA   . 2RA A 9  ? 0.0776 0.1702 0.0607 -0.0835 -0.0029 0.0291  9   2RA A CA   
95  C  CB   A 2RA A 9  ? 0.1305 0.1891 0.0667 -0.0763 -0.0124 0.0194  9   2RA A CB   
96  C  CB   B 2RA A 9  ? 0.1228 0.1971 0.0621 -0.0719 -0.0076 0.0240  9   2RA A CB   
97  N  NG   A 2RA A 9  ? 0.1391 0.1888 0.0257 -0.0940 -0.0101 0.0353  9   2RA A NG   
98  N  NG   B 2RA A 9  ? 0.1570 0.2292 0.0903 -0.0810 0.0055  0.0492  9   2RA A NG   
99  H  H    . 2RA A 9  ? 0.0900 0.1702 0.0504 -0.0829 -0.0032 0.0291  9   2RA A H    
100 H  HA   . 2RA A 9  ? 0.0864 0.1762 0.0528 -0.0812 -0.0090 0.0267  9   2RA A HA   
101 H  HB1  A 2RA A 9  ? 0.1225 0.1910 0.0593 -0.0750 -0.0158 0.0189  9   2RA A HB1  
102 H  HB1  B 2RA A 9  ? 0.1140 0.1937 0.0663 -0.0777 -0.0039 0.0297  9   2RA A HB1  
103 H  HB2  A 2RA A 9  ? 0.1176 0.1854 0.0558 -0.0821 -0.0107 0.0243  9   2RA A HB2  
104 H  HB2  B 2RA A 9  ? 0.1164 0.1929 0.0670 -0.0773 -0.0027 0.0298  9   2RA A HB2  
105 H  HG1  A 2RA A 9  ? 0.1356 0.1838 0.0312 -0.0889 -0.0110 0.0362  9   2RA A HG1  
106 H  HG1  B 2RA A 9  ? 0.1484 0.2222 0.0868 -0.0826 -0.0038 0.0448  9   2RA A HG1  
107 H  HG2  A 2RA A 9  ? 0.1325 0.1858 0.0385 -0.0890 -0.0117 0.0321  9   2RA A HG2  
108 H  HG2  B 2RA A 9  ? 0.1475 0.2218 0.0840 -0.0818 0.0022  0.0379  9   2RA A HG2  
109 N  N    . ILE A 10 ? 0.0762 0.1760 0.0571 -0.0839 -0.0221 0.0331  10  ILE A N    
110 C  CA   . ILE A 10 ? 0.0747 0.1850 0.0364 -0.1039 -0.0165 0.0424  10  ILE A CA   
111 C  C    . ILE A 10 ? 0.0876 0.1699 0.0414 -0.0857 -0.0246 0.0368  10  ILE A C    
112 O  O    . ILE A 10 ? 0.0801 0.1649 0.0411 -0.0869 -0.0193 0.0391  10  ILE A O    
113 C  CB   . ILE A 10 ? 0.1131 0.2015 0.0500 -0.1351 -0.0206 0.0477  10  ILE A CB   
114 C  CG1  . ILE A 10 ? 0.1452 0.3121 0.0946 -0.1874 0.0118  0.0428  10  ILE A CG1  
115 C  CG2  . ILE A 10 ? 0.1359 0.2093 0.0735 -0.1386 -0.0529 0.0600  10  ILE A CG2  
116 C  CD1  . ILE A 10 ? 0.1647 0.3466 0.1115 -0.1737 0.0300  -0.0063 10  ILE A CD1  
117 H  H    . ILE A 10 ? 0.0726 0.1823 0.0479 -0.0899 -0.0190 0.0338  10  ILE A H    
118 H  HA   . ILE A 10 ? 0.0852 0.1860 0.0399 -0.1007 -0.0224 0.0410  10  ILE A HA   
119 H  HB   . ILE A 10 ? 0.1100 0.2112 0.0523 -0.1328 -0.0226 0.0483  10  ILE A HB   
120 H  HG12 . ILE A 10 ? 0.1459 0.2945 0.0858 -0.1764 0.0101  0.0259  10  ILE A HG12 
121 H  HG13 . ILE A 10 ? 0.1407 0.2827 0.0824 -0.1648 0.0030  0.0346  10  ILE A HG13 
122 H  HG21 . ILE A 10 ? 0.1300 0.2059 0.0783 -0.1358 -0.0482 0.0582  10  ILE A HG21 
123 H  HG22 . ILE A 10 ? 0.1312 0.2089 0.0672 -0.1344 -0.0429 0.0557  10  ILE A HG22 
124 H  HG23 . ILE A 10 ? 0.1258 0.2049 0.0648 -0.1349 -0.0437 0.0562  10  ILE A HG23 
125 H  HD11 . ILE A 10 ? 0.1601 0.3467 0.1087 -0.1798 0.0267  0.0026  10  ILE A HD11 
126 H  HD12 . ILE A 10 ? 0.1565 0.3349 0.1043 -0.1745 0.0243  0.0091  10  ILE A HD12 
127 H  HD13 . ILE A 10 ? 0.1561 0.3273 0.0985 -0.1602 0.0204  0.0122  10  ILE A HD13 
128 N  N    . PRO A 11 ? 0.0934 0.1641 0.0493 -0.0735 -0.0211 0.0318  11  PRO A N    
129 C  CA   . PRO A 11 ? 0.0801 0.1429 0.0800 -0.0821 -0.0154 0.0308  11  PRO A CA   
130 C  C    . PRO A 11 ? 0.0981 0.1527 0.0605 -0.0739 -0.0147 0.0365  11  PRO A C    
131 O  O    . PRO A 11 ? 0.1140 0.1657 0.0724 -0.0900 -0.0089 0.0289  11  PRO A O    
132 C  CB   . PRO A 11 ? 0.0816 0.1940 0.0994 -0.0800 -0.0358 0.0305  11  PRO A CB   
133 C  CG   . PRO A 11 ? 0.1319 0.2033 0.0900 -0.0694 -0.0463 0.0483  11  PRO A CG   
134 C  CD   . PRO A 11 ? 0.1312 0.1814 0.0635 -0.0723 -0.0373 0.0424  11  PRO A CD   
135 H  HA   . PRO A 11 ? 0.0858 0.1466 0.0714 -0.0819 -0.0185 0.0357  11  PRO A HA   
136 H  HB2  . PRO A 11 ? 0.0916 0.1898 0.0911 -0.0780 -0.0314 0.0363  11  PRO A HB2  
137 H  HB3  . PRO A 11 ? 0.0903 0.1825 0.0910 -0.0788 -0.0310 0.0351  11  PRO A HB3  
138 H  HG2  . PRO A 11 ? 0.1179 0.1958 0.0860 -0.0720 -0.0418 0.0430  11  PRO A HG2  
139 H  HG3  . PRO A 11 ? 0.1197 0.2044 0.0870 -0.0688 -0.0404 0.0450  11  PRO A HG3  
140 H  HD2  . PRO A 11 ? 0.1186 0.1819 0.0636 -0.0715 -0.0348 0.0404  11  PRO A HD2  
141 H  HD3  . PRO A 11 ? 0.1166 0.1812 0.0644 -0.0743 -0.0349 0.0426  11  PRO A HD3  
142 CA CA   . CA  B .  ? 0.0708 0.1656 0.0362 -0.0819 -0.0154 0.0303  101 CA  A CA   
143 CA CA   . CA  C .  ? 0.0805 0.1803 0.0509 -0.0913 -0.0098 0.0370  102 CA  A CA   
144 C  C1   A RDZ D .  ? 0.9849 0.7195 0.6376 -0.1231 0.1803  0.2000  103 RDZ A C1   
145 C  C1   B RDZ D .  ? 0.2268 0.2700 0.1087 -0.0343 -0.0248 -0.0360 103 RDZ A C1   
146 C  C2   A RDZ D .  ? 0.7432 0.5584 0.6601 -0.0583 0.2621  0.0868  103 RDZ A C2   
147 C  C2   B RDZ D .  ? 0.2276 0.2597 0.1668 -0.0478 -0.0210 -0.0305 103 RDZ A C2   
148 C  C3   A RDZ D .  ? 0.8743 0.5505 0.5070 -0.0334 0.0842  0.0605  103 RDZ A C3   
149 C  C3   B RDZ D .  ? 0.1723 0.2592 0.1952 -0.0485 -0.0071 -0.0081 103 RDZ A C3   
150 C  C4   A RDZ D .  ? 0.7195 0.5228 0.3476 0.0663  0.0869  0.0939  103 RDZ A C4   
151 C  C4   B RDZ D .  ? 0.1787 0.2403 0.1781 -0.0682 -0.0119 -0.0173 103 RDZ A C4   
152 C  C5   A RDZ D .  ? 0.6005 0.3761 0.3596 0.0774  0.0737  0.0892  103 RDZ A C5   
153 C  C5   B RDZ D .  ? 0.1469 0.2049 0.1606 -0.0419 -0.0121 0.0020  103 RDZ A C5   
154 C  C6   A RDZ D .  ? 0.3851 0.3356 0.2158 0.0042  0.0796  0.0383  103 RDZ A C6   
155 C  C6   B RDZ D .  ? 0.0872 0.1817 0.0885 -0.0870 -0.0470 -0.0040 103 RDZ A C6   
156 C  C7   A RDZ D .  ? 0.2567 0.2802 0.2311 0.0241  0.0217  0.0427  103 RDZ A C7   
157 C  C7   B RDZ D .  ? 0.0800 0.2087 0.0724 -0.1128 -0.0296 0.0288  103 RDZ A C7   
158 C  C8   A RDZ D .  ? 0.0940 0.2349 0.1374 -0.0571 -0.0029 0.0340  103 RDZ A C8   
159 C  C8   B RDZ D .  ? 0.0757 0.2192 0.0605 -0.1176 -0.0299 0.0269  103 RDZ A C8   
160 O  O1   A RDZ D .  ? 0.0764 0.1665 0.0855 -0.0528 -0.0357 0.0084  103 RDZ A O1   
161 O  O1   B RDZ D .  ? 0.0983 0.2687 0.0498 -0.1428 -0.0062 0.0514  103 RDZ A O1   
162 P  P1   A RDZ D .  ? 0.0643 0.1473 0.0557 -0.0719 -0.0083 0.0294  103 RDZ A P1   
163 P  P1   B RDZ D .  ? 0.1035 0.2912 0.0140 -0.1665 -0.0275 0.0471  103 RDZ A P1   
164 O  O2   A RDZ D .  ? 0.0735 0.1581 0.0656 -0.0813 0.0075  0.0407  103 RDZ A O2   
165 O  O2   B RDZ D .  ? 0.0846 0.2450 0.0258 -0.1266 -0.0281 0.0476  103 RDZ A O2   
166 O  O3   A RDZ D .  ? 0.0657 0.1427 0.0770 -0.0746 -0.0139 0.0292  103 RDZ A O3   
167 O  O3   B RDZ D .  ? 0.0952 0.3018 0.0295 -0.1578 -0.0145 0.0435  103 RDZ A O3   
168 O  O4   A RDZ D .  ? 0.0645 0.1671 0.0584 -0.0849 -0.0122 0.0395  103 RDZ A O4   
169 O  O4   B RDZ D .  ? 0.1221 0.3094 0.0132 -0.1287 -0.0233 0.0446  103 RDZ A O4   
170 C  C9   A RDZ D .  ? 0.4375 0.3323 0.2371 0.0189  0.0701  0.0763  103 RDZ A C9   
171 C  C9   B RDZ D .  ? 0.0722 0.1826 0.0945 -0.0810 -0.0267 -0.0063 103 RDZ A C9   
172 C  C10  A RDZ D .  ? 0.5587 0.6651 0.7834 -0.0655 0.2197  0.1789  103 RDZ A C10  
173 C  C10  B RDZ D .  ? 0.2110 0.2738 0.1984 -0.0439 -0.0427 -0.0141 103 RDZ A C10  
174 H  H2   A RDZ D .  ? 0.8878 0.7294 0.6623 -0.0991 0.2047  0.1800  103 RDZ A H2   
175 H  H2   B RDZ D .  ? 0.2249 0.2651 0.1183 -0.0401 -0.0209 -0.0327 103 RDZ A H2   
176 H  H3   A RDZ D .  ? 0.9139 0.6675 0.6358 -0.0652 0.1903  0.1476  103 RDZ A H3   
177 H  H3   B RDZ D .  ? 0.2255 0.2625 0.1215 -0.0404 -0.0247 -0.0371 103 RDZ A H3   
178 H  H1   A RDZ D .  ? 0.9233 0.6727 0.6510 -0.1071 0.2201  0.1458  103 RDZ A H1   
179 H  H1   B RDZ D .  ? 0.2242 0.2646 0.1239 -0.0411 -0.0218 -0.0330 103 RDZ A H1   
180 H  H4   A RDZ D .  ? 0.8513 0.5425 0.5188 0.0004  0.0872  0.0670  103 RDZ A H4   
181 H  H4   B RDZ D .  ? 0.1860 0.2521 0.1815 -0.0505 -0.0118 -0.0170 103 RDZ A H4   
182 H  H5   A RDZ D .  ? 0.7066 0.4776 0.3747 0.0483  0.0827  0.0861  103 RDZ A H5   
183 H  H5   B RDZ D .  ? 0.1599 0.2341 0.1760 -0.0553 -0.0156 -0.0153 103 RDZ A H5   
184 H  H6   A RDZ D .  ? 0.6807 0.4713 0.3588 0.0309  0.0707  0.0857  103 RDZ A H6   
185 H  H6   B RDZ D .  ? 0.1631 0.2328 0.1762 -0.0479 -0.0136 -0.0079 103 RDZ A H6   
186 H  H7   A RDZ D .  ? 0.5610 0.3978 0.3417 0.0476  0.0955  0.0940  103 RDZ A H7   
187 H  H7   B RDZ D .  ? 0.1428 0.2032 0.1391 -0.0633 -0.0244 -0.0044 103 RDZ A H7   
188 H  H8   A RDZ D .  ? 0.5815 0.3831 0.3100 0.0390  0.0786  0.0766  103 RDZ A H8   
189 H  H8   B RDZ D .  ? 0.1319 0.2074 0.1436 -0.0622 -0.0284 -0.0085 103 RDZ A H8   
190 H  H9   A RDZ D .  ? 0.1793 0.2551 0.1610 -0.0464 0.0212  0.0352  103 RDZ A H9   
191 H  H9   B RDZ D .  ? 0.0796 0.2012 0.0698 -0.1086 -0.0344 0.0238  103 RDZ A H9   
192 H  H10  A RDZ D .  ? 0.1109 0.2176 0.1313 -0.0470 -0.0082 0.0279  103 RDZ A H10  
193 H  H10  B RDZ D .  ? 0.0769 0.2246 0.0627 -0.1228 -0.0248 0.0300  103 RDZ A H10  
194 H  H11  A RDZ D .  ? 0.1058 0.2186 0.1336 -0.0445 -0.0064 0.0334  103 RDZ A H11  
195 H  H11  B RDZ D .  ? 0.0819 0.2319 0.0606 -0.1279 -0.0195 0.0375  103 RDZ A H11  
196 H  H13  A RDZ D .  ? 0.4210 0.3409 0.2363 0.0116  0.0712  0.0692  103 RDZ A H13  
197 H  H13  B RDZ D .  ? 0.0778 0.1828 0.0928 -0.0827 -0.0298 -0.0055 103 RDZ A H13  
198 H  H14  A RDZ D .  ? 0.4301 0.3393 0.2299 0.0196  0.0722  0.0640  103 RDZ A H14  
199 H  H14  B RDZ D .  ? 0.0737 0.1824 0.0925 -0.0801 -0.0284 -0.0069 103 RDZ A H14  
200 H  H12  A RDZ D .  ? 0.3973 0.3270 0.2227 -0.0019 0.0688  0.0577  103 RDZ A H12  
201 H  H12  B RDZ D .  ? 0.0760 0.1837 0.0914 -0.0839 -0.0313 -0.0046 103 RDZ A H12  
202 H  H16  A RDZ D .  ? 0.6208 0.6588 0.7578 -0.0548 0.2346  0.1684  103 RDZ A H16  
203 H  H16  B RDZ D .  ? 0.2172 0.2694 0.1858 -0.0441 -0.0367 -0.0199 103 RDZ A H16  
204 H  H17  A RDZ D .  ? 0.6252 0.6300 0.7491 -0.0594 0.2243  0.1448  103 RDZ A H17  
205 H  H17  B RDZ D .  ? 0.2131 0.2675 0.1867 -0.0451 -0.0376 -0.0188 103 RDZ A H17  
206 H  H15  A RDZ D .  ? 0.5616 0.6366 0.7482 -0.0600 0.2259  0.1526  103 RDZ A H15  
207 H  H15  B RDZ D .  ? 0.2185 0.2690 0.1969 -0.0452 -0.0413 -0.0186 103 RDZ A H15  
208 C  C    . 9GE E .  ? 0.1076 0.2052 0.0588 -0.0915 0.0166  0.0148  104 9GE A C    
209 O  O    . 9GE E .  ? 0.1067 0.1913 0.0748 -0.0785 0.0052  0.0124  104 9GE A O    
210 C  CA   A 9GE E .  ? 0.1424 0.2422 0.0914 -0.0844 0.0444  0.0493  104 9GE A CA   
211 C  CA   B 9GE E .  ? 0.1191 0.1756 0.0717 -0.0900 0.0288  0.0103  104 9GE A CA   
212 C  C04  A 9GE E .  ? 0.1515 0.2775 0.1828 -0.0947 0.0675  0.0164  104 9GE A C04  
213 C  C04  B 9GE E .  ? 0.1673 0.2133 0.0748 -0.1394 0.0380  0.0056  104 9GE A C04  
214 C  C05  A 9GE E .  ? 0.1706 0.2883 0.1993 -0.1369 0.0636  0.0353  104 9GE A C05  
215 C  C05  B 9GE E .  ? 0.1609 0.2636 0.0740 -0.1318 0.0223  -0.0163 104 9GE A C05  
216 C  C06  A 9GE E .  ? 0.1643 0.3018 0.1710 -0.1548 0.0561  0.0461  104 9GE A C06  
217 C  C06  B 9GE E .  ? 0.1872 0.3102 0.1415 -0.1288 -0.0116 0.0037  104 9GE A C06  
218 H  H1   A 9GE E .  ? 0.1358 0.2403 0.0973 -0.0887 0.0368  0.0354  104 9GE A H1   
219 H  H1   B 9GE E .  ? 0.1248 0.1882 0.0674 -0.0997 0.0266  0.0096  104 9GE A H1   
220 H  H2   A 9GE E .  ? 0.1575 0.2677 0.1728 -0.1052 0.0687  0.0221  104 9GE A H2   
221 H  H2   B 9GE E .  ? 0.1492 0.2114 0.0743 -0.1202 0.0314  0.0039  104 9GE A H2   
222 H  H3   A 9GE E .  ? 0.1647 0.2907 0.1894 -0.1306 0.0632  0.0330  104 9GE A H3   
223 H  H3   B 9GE E .  ? 0.1665 0.2609 0.0878 -0.1332 0.0200  -0.0111 104 9GE A H3   
224 H  H4   A 9GE E .  ? 0.1650 0.2908 0.1918 -0.1293 0.0640  0.0356  104 9GE A H4   
225 H  H4   B 9GE E .  ? 0.1678 0.2546 0.0854 -0.1333 0.0175  -0.0103 104 9GE A H4   
226 C  C1   A 9GE E .  ? 0.1299 0.2886 0.1775 -0.1128 0.0426  0.0056  104 9GE A C1   
227 H  H5   A 9GE E .  ? 0.1574 0.2988 0.1796 -0.1385 0.0555  0.0356  104 9GE A H5   
228 C  C1   B 9GE E .  ? 0.2318 0.3127 0.1515 -0.1107 -0.0437 -0.0099 104 9GE A C1   
229 H  H5   B 9GE E .  ? 0.1860 0.3032 0.1330 -0.1240 -0.0062 0.0081  104 9GE A H5   
230 C  C2   A 9GE E .  ? 0.1209 0.3107 0.1954 -0.1327 0.0510  0.0133  104 9GE A C2   
231 H  H6   A 9GE E .  ? 0.1560 0.2956 0.1746 -0.1396 0.0566  0.0336  104 9GE A H6   
232 C  C2   B 9GE E .  ? 0.2678 0.3118 0.2481 -0.1094 -0.1106 -0.0221 104 9GE A C2   
233 H  H6   B 9GE E .  ? 0.1904 0.2963 0.1282 -0.1239 -0.0135 -0.0043 104 9GE A H6   
234 C  C3   A 9GE E .  ? 0.1755 0.4311 0.1520 -0.0780 0.0365  0.0332  104 9GE A C3   
235 C  C3   B 9GE E .  ? 0.2928 0.2848 0.2584 -0.0879 -0.1127 0.0004  104 9GE A C3   
236 C  C4   A 9GE E .  ? 0.1619 0.5529 0.2889 -0.0427 -0.0087 0.0357  104 9GE A C4   
237 C  C4   B 9GE E .  ? 0.3145 0.2533 0.3211 -0.0560 -0.1587 0.0151  104 9GE A C4   
238 C  C5   A 9GE E .  ? 0.2899 0.6131 0.3047 -0.0105 0.0270  0.1199  104 9GE A C5   
239 C  C5   B 9GE E .  ? 0.3195 0.2563 0.3147 -0.0093 -0.1500 -0.0109 104 9GE A C5   
240 C  C6   A 9GE E .  ? 0.2792 0.7288 0.4020 0.0326  0.0032  0.0993  104 9GE A C6   
241 C  C6   B 9GE E .  ? 0.2940 0.1801 0.2646 -0.0011 -0.0570 -0.0510 104 9GE A C6   
242 C  C7   A 9GE E .  ? 0.3357 0.8208 0.3468 0.0783  0.0415  0.1519  104 9GE A C7   
243 C  C7   B 9GE E .  ? 0.2273 0.1828 0.2670 -0.0082 -0.0940 -0.0567 104 9GE A C7   
244 C  C8   A 9GE E .  ? 0.3043 0.7884 0.3244 0.0620  0.0964  0.2009  104 9GE A C8   
245 C  C8   B 9GE E .  ? 0.2407 0.2008 0.2235 -0.0608 -0.0996 -0.0115 104 9GE A C8   
246 C  C9   A 9GE E .  ? 0.1420 0.8458 0.1897 0.1042  0.0824  0.1993  104 9GE A C9   
247 C  C9   B 9GE E .  ? 0.2040 0.2185 0.1824 -0.0664 -0.0925 -0.0114 104 9GE A C9   
248 C  C10  A 9GE E .  ? 0.2536 0.8373 0.3892 0.0845  0.1029  0.2017  104 9GE A C10  
249 C  C10  B 9GE E .  ? 0.2711 0.2360 0.1835 -0.0428 -0.1093 -0.0393 104 9GE A C10  
250 H  H7   A 9GE E .  ? 0.1351 0.2933 0.1796 -0.1273 0.0474  0.0152  104 9GE A H7   
251 H  H7   B 9GE E .  ? 0.2235 0.3065 0.1573 -0.1163 -0.0473 -0.0074 104 9GE A H7   
252 H  H9   A 9GE E .  ? 0.1362 0.2944 0.1772 -0.1254 0.0492  0.0158  104 9GE A H9   
253 H  H9   B 9GE E .  ? 0.2236 0.3091 0.1575 -0.1165 -0.0463 -0.0065 104 9GE A H9   
254 H  H10  A 9GE E .  ? 0.1265 0.3094 0.1832 -0.1281 0.0423  0.0107  104 9GE A H10  
255 H  H10  B 9GE E .  ? 0.2604 0.3049 0.2175 -0.1069 -0.0910 -0.0150 104 9GE A H10  
256 H  H11  A 9GE E .  ? 0.1321 0.3246 0.1892 -0.1198 0.0431  0.0159  104 9GE A H11  
257 H  H11  B 9GE E .  ? 0.2626 0.3159 0.2326 -0.1061 -0.0919 -0.0255 104 9GE A H11  
258 H  H12  A 9GE E .  ? 0.1665 0.4291 0.1824 -0.0742 0.0325  0.0269  104 9GE A H12  
259 H  H12  B 9GE E .  ? 0.2910 0.2856 0.2678 -0.0867 -0.1227 -0.0003 104 9GE A H12  
260 H  H13  A 9GE E .  ? 0.1585 0.4168 0.1667 -0.0840 0.0319  0.0201  104 9GE A H13  
261 H  H13  B 9GE E .  ? 0.2910 0.2832 0.2651 -0.0866 -0.1233 0.0014  104 9GE A H13  
262 H  H14  A 9GE E .  ? 0.1961 0.5404 0.2541 -0.0341 0.0046  0.0436  104 9GE A H14  
263 H  H14  B 9GE E .  ? 0.3096 0.2580 0.3022 -0.0551 -0.1457 0.0048  104 9GE A H14  
264 H  H15  A 9GE E .  ? 0.1873 0.5335 0.2553 -0.0446 0.0107  0.0575  104 9GE A H15  
265 H  H15  B 9GE E .  ? 0.3051 0.2722 0.2837 -0.0520 -0.1314 -0.0043 104 9GE A H15  
266 H  H16  A 9GE E .  ? 0.2482 0.6158 0.3184 -0.0123 0.0110  0.0926  104 9GE A H16  
267 H  H16  B 9GE E .  ? 0.3135 0.2508 0.3044 -0.0074 -0.1259 -0.0106 104 9GE A H16  
268 H  H17  A 9GE E .  ? 0.2430 0.6024 0.3163 -0.0192 0.0071  0.0918  104 9GE A H17  
269 H  H17  B 9GE E .  ? 0.3148 0.2352 0.3211 -0.0169 -0.1356 -0.0082 104 9GE A H17  
270 H  H18  A 9GE E .  ? 0.2867 0.7117 0.3988 0.0317  0.0009  0.1092  104 9GE A H18  
271 H  H18  B 9GE E .  ? 0.2774 0.1871 0.2686 -0.0038 -0.0833 -0.0470 104 9GE A H18  
272 H  H19  A 9GE E .  ? 0.2900 0.7184 0.3652 0.0324  0.0157  0.1170  104 9GE A H19  
273 H  H19  B 9GE E .  ? 0.2742 0.1876 0.2538 0.0002  -0.0758 -0.0516 104 9GE A H19  
274 H  H20  A 9GE E .  ? 0.3148 0.7983 0.3602 0.0634  0.0448  0.1568  104 9GE A H20  
275 H  H20  B 9GE E .  ? 0.2450 0.1802 0.2552 -0.0203 -0.0878 -0.0464 104 9GE A H20  
276 H  H21  A 9GE E .  ? 0.3176 0.7933 0.3617 0.0651  0.0412  0.1496  104 9GE A H21  
277 H  H21  B 9GE E .  ? 0.2451 0.1868 0.2548 -0.0199 -0.0881 -0.0434 104 9GE A H21  
278 H  H22  A 9GE E .  ? 0.2621 0.8161 0.3180 0.0771  0.0835  0.1988  104 9GE A H22  
279 H  H22  B 9GE E .  ? 0.2355 0.2079 0.2154 -0.0492 -0.0990 -0.0246 104 9GE A H22  
280 H  H23  A 9GE E .  ? 0.1422 0.8269 0.2188 0.0899  0.0798  0.1983  104 9GE A H23  
281 H  H23  B 9GE E .  ? 0.2114 0.2164 0.1922 -0.0649 -0.0941 -0.0106 104 9GE A H23  
282 H  H24  A 9GE E .  ? 0.1757 0.8259 0.2180 0.0894  0.0819  0.1974  104 9GE A H24  
283 H  H24  B 9GE E .  ? 0.2076 0.2130 0.1893 -0.0634 -0.0902 -0.0128 104 9GE A H24  
284 H  H25  A 9GE E .  ? 0.1780 0.8220 0.2002 0.0872  0.0744  0.1906  104 9GE A H25  
285 H  H25  B 9GE E .  ? 0.2064 0.2137 0.1907 -0.0658 -0.0967 -0.0120 104 9GE A H25  
286 H  H26  A 9GE E .  ? 0.2704 0.8253 0.3822 0.0773  0.0971  0.2049  104 9GE A H26  
287 H  H26  B 9GE E .  ? 0.2624 0.2253 0.1977 -0.0492 -0.1046 -0.0312 104 9GE A H26  
288 H  H27  A 9GE E .  ? 0.2718 0.8296 0.3755 0.0813  0.0972  0.1973  104 9GE A H27  
289 H  H27  B 9GE E .  ? 0.2621 0.2288 0.2013 -0.0479 -0.1053 -0.0351 104 9GE A H27  
290 H  H28  A 9GE E .  ? 0.2694 0.8240 0.3722 0.0780  0.0988  0.2012  104 9GE A H28  
291 H  H28  B 9GE E .  ? 0.2617 0.2254 0.1975 -0.0486 -0.1059 -0.0316 104 9GE A H28  
292 O  O    . HOH F .  ? 0.2940 0.3993 0.5698 0.0784  -0.2356 -0.1022 201 HOH A O    
293 O  O    . HOH F .  ? 0.4149 0.4348 0.1628 0.1411  0.1403  0.0910  202 HOH A O    
294 O  O    . HOH F .  ? 0.1651 0.3469 0.1433 -0.1598 -0.0497 0.0956  203 HOH A O    
295 O  O    . HOH F .  ? 0.2146 0.2207 0.3247 -0.1204 -0.1120 0.0847  204 HOH A O    
296 O  O    . HOH F .  ? 0.2093 0.3704 0.4030 -0.1745 -0.1419 0.1836  205 HOH A O    
297 O  O    . HOH F .  ? 0.1992 0.3833 0.4185 -0.1172 0.0873  -0.0628 206 HOH A O    
298 O  O    A HOH F .  ? 0.1722 0.2352 0.7314 -0.1090 0.0183  -0.0989 207 HOH A O    
299 O  O    . HOH F .  ? 0.2967 0.2071 0.1401 -0.0386 0.0621  0.0509  208 HOH A O    
300 O  O    . HOH F .  ? 0.1660 0.2700 0.1018 -0.1134 0.0179  0.0150  209 HOH A O    
301 O  O    . HOH F .  ? 0.1175 0.2771 0.1087 -0.0839 -0.0058 0.0667  210 HOH A O    
302 O  O    . HOH F .  ? 0.3241 0.6063 0.1002 -0.1940 -0.0498 -0.0410 211 HOH A O    
303 O  O    . HOH F .  ? 0.0858 0.1752 0.0632 -0.0923 -0.0140 0.0348  212 HOH A O    
304 O  O    . HOH F .  ? 0.2316 0.2867 0.2489 -0.0155 -0.1307 -0.0172 213 HOH A O    
305 O  O    . HOH F .  ? 0.4361 1.2682 0.1520 -0.4161 0.0615  -0.1136 214 HOH A O    
306 O  O    . HOH F .  ? 0.7870 0.3479 0.2342 0.2040  0.3073  0.1290  215 HOH A O    
307 O  O    . HOH F .  ? 0.6818 0.8040 0.7979 -0.1271 -0.0792 0.5228  216 HOH A O    
308 O  O    . HOH F .  ? 0.4699 0.7353 0.2056 -0.2788 0.0261  -0.1448 217 HOH A O    
309 O  O    . HOH F .  ? 0.3871 0.2149 0.0899 -0.1820 0.0814  0.0215  218 HOH A O    
310 O  O    A HOH F .  ? 0.3857 0.4804 0.2334 -0.0799 -0.0180 0.0043  219 HOH A O    
# 
